data_6UE6
#
_entry.id   6UE6
#
_cell.length_a   69.21
_cell.length_b   70.32
_cell.length_c   228.83
_cell.angle_alpha   90
_cell.angle_beta   90
_cell.angle_gamma   90
#
_symmetry.space_group_name_H-M   'P 21 21 21'
#
loop_
_entity.id
_entity.type
_entity.pdbx_description
1 polymer 'Histone-lysine N-methyltransferase NSD2'
2 non-polymer 4-cyano-N-cyclopropyl-N-[(thiophen-2-yl)methyl]benzamide
3 non-polymer 'UNKNOWN ATOM OR ION'
#
_entity_poly.entity_id   1
_entity_poly.type   'polypeptide(L)'
_entity_poly.pdbx_seq_one_letter_code
;GGRDKDHLLKYNVGDLVWSKVSGYPWWPCMVSADPLLHSYTKLKGQKKSARQYHVQFFGDAPERAWIFEKSLVAFEGEGQ
FEKLCQESAKQAPTKAEKIKLLKPISGKLRAQWEMGIVQAEEAASMSVEERKAKFTFLYVG
;
_entity_poly.pdbx_strand_id   A,B,C,D,E,F,G,H
#
loop_
_chem_comp.id
_chem_comp.type
_chem_comp.name
_chem_comp.formula
Q5D non-polymer 4-cyano-N-cyclopropyl-N-[(thiophen-2-yl)methyl]benzamide 'C16 H14 N2 O S'
UNX non-polymer 'UNKNOWN ATOM OR ION' ?
#
# COMPACT_ATOMS: atom_id res chain seq x y z
N LYS A 5 -3.54 -33.61 -42.23
CA LYS A 5 -4.75 -32.86 -42.67
C LYS A 5 -4.41 -31.63 -43.55
N ASP A 6 -3.13 -31.44 -43.92
CA ASP A 6 -2.67 -30.34 -44.80
C ASP A 6 -3.62 -29.91 -45.94
N HIS A 7 -4.29 -30.90 -46.60
CA HIS A 7 -5.17 -30.70 -47.77
C HIS A 7 -6.50 -30.02 -47.40
N LEU A 8 -6.89 -30.13 -46.16
CA LEU A 8 -8.14 -29.57 -45.68
C LEU A 8 -7.94 -28.15 -45.16
N LEU A 9 -6.69 -27.69 -45.16
CA LEU A 9 -6.29 -26.41 -44.60
C LEU A 9 -5.84 -25.46 -45.69
N LYS A 10 -6.27 -24.17 -45.58
CA LYS A 10 -5.96 -23.11 -46.53
C LYS A 10 -4.46 -22.81 -46.62
N TYR A 11 -3.73 -22.92 -45.50
CA TYR A 11 -2.29 -22.65 -45.45
C TYR A 11 -1.52 -23.77 -44.79
N ASN A 12 -0.22 -23.88 -45.12
CA ASN A 12 0.72 -24.82 -44.52
C ASN A 12 1.99 -24.08 -44.13
N VAL A 13 2.89 -24.73 -43.35
CA VAL A 13 4.20 -24.18 -42.94
C VAL A 13 4.96 -23.75 -44.20
N GLY A 14 5.44 -22.51 -44.20
CA GLY A 14 6.21 -21.97 -45.31
C GLY A 14 5.39 -21.06 -46.22
N ASP A 15 4.05 -21.11 -46.12
CA ASP A 15 3.21 -20.25 -46.95
C ASP A 15 3.34 -18.81 -46.50
N LEU A 16 3.52 -17.91 -47.48
CA LEU A 16 3.64 -16.49 -47.21
C LEU A 16 2.25 -15.88 -47.17
N VAL A 17 1.98 -15.09 -46.13
CA VAL A 17 0.68 -14.45 -45.93
C VAL A 17 0.84 -13.02 -45.46
N TRP A 18 -0.21 -12.23 -45.66
CA TRP A 18 -0.33 -10.91 -45.11
C TRP A 18 -1.17 -11.13 -43.82
N SER A 19 -0.78 -10.52 -42.70
CA SER A 19 -1.53 -10.62 -41.45
C SER A 19 -2.02 -9.25 -41.01
N LYS A 20 -3.23 -9.22 -40.47
CA LYS A 20 -3.83 -7.99 -39.98
C LYS A 20 -4.02 -8.05 -38.49
N VAL A 21 -3.33 -7.13 -37.80
CA VAL A 21 -3.37 -6.93 -36.36
C VAL A 21 -3.91 -5.51 -36.18
N SER A 22 -4.87 -5.36 -35.28
CA SER A 22 -5.46 -4.06 -34.93
C SER A 22 -4.37 -3.04 -34.55
N GLY A 23 -4.41 -1.88 -35.21
CA GLY A 23 -3.45 -0.80 -35.00
C GLY A 23 -2.21 -0.90 -35.85
N TYR A 24 -2.12 -1.94 -36.72
CA TYR A 24 -0.96 -2.16 -37.59
C TYR A 24 -1.39 -2.30 -39.04
N PRO A 25 -0.57 -1.90 -40.04
CA PRO A 25 -0.98 -2.16 -41.43
C PRO A 25 -0.86 -3.66 -41.74
N TRP A 26 -1.45 -4.13 -42.86
CA TRP A 26 -1.30 -5.51 -43.32
C TRP A 26 0.21 -5.74 -43.44
N TRP A 27 0.68 -6.83 -42.80
CA TRP A 27 2.10 -7.13 -42.66
C TRP A 27 2.53 -8.47 -43.28
N PRO A 28 3.70 -8.49 -43.98
CA PRO A 28 4.19 -9.75 -44.57
C PRO A 28 4.71 -10.74 -43.51
N CYS A 29 4.19 -11.99 -43.60
CA CYS A 29 4.42 -13.09 -42.66
C CYS A 29 4.67 -14.39 -43.38
N MET A 30 5.17 -15.37 -42.63
CA MET A 30 5.31 -16.73 -43.10
C MET A 30 4.63 -17.65 -42.06
N VAL A 31 3.77 -18.58 -42.52
CA VAL A 31 3.16 -19.56 -41.60
C VAL A 31 4.33 -20.45 -41.13
N SER A 32 4.40 -20.69 -39.81
CA SER A 32 5.47 -21.47 -39.18
C SER A 32 4.95 -22.18 -37.96
N ALA A 33 5.74 -23.12 -37.42
CA ALA A 33 5.44 -23.88 -36.21
C ALA A 33 5.74 -23.04 -34.95
N ASP A 34 4.84 -23.17 -33.95
CA ASP A 34 5.04 -22.51 -32.69
C ASP A 34 6.25 -23.20 -32.03
N PRO A 35 7.33 -22.45 -31.64
CA PRO A 35 8.51 -23.11 -31.03
C PRO A 35 8.26 -23.91 -29.74
N LEU A 36 7.18 -23.60 -29.01
CA LEU A 36 6.82 -24.29 -27.78
C LEU A 36 5.72 -25.34 -27.96
N LEU A 37 4.69 -25.04 -28.77
CA LEU A 37 3.59 -25.97 -28.96
C LEU A 37 3.81 -26.98 -30.08
N HIS A 38 4.72 -26.68 -31.02
CA HIS A 38 5.09 -27.51 -32.17
C HIS A 38 3.91 -27.74 -33.14
N SER A 39 3.01 -26.76 -33.22
CA SER A 39 1.87 -26.76 -34.13
C SER A 39 1.82 -25.41 -34.86
N TYR A 40 1.20 -25.38 -36.05
CA TYR A 40 1.10 -24.18 -36.88
C TYR A 40 -0.36 -23.73 -37.06
N THR A 41 -1.31 -24.57 -36.64
CA THR A 41 -2.74 -24.30 -36.77
C THR A 41 -3.50 -24.89 -35.56
N LYS A 42 -4.64 -24.28 -35.20
CA LYS A 42 -5.50 -24.72 -34.07
C LYS A 42 -6.91 -24.06 -34.11
N LEU A 43 -7.84 -24.55 -33.30
CA LEU A 43 -9.19 -24.00 -33.21
C LEU A 43 -9.33 -23.26 -31.88
N LYS A 44 -9.61 -21.94 -31.91
CA LYS A 44 -9.75 -21.16 -30.66
C LYS A 44 -11.06 -21.46 -29.95
N LYS A 48 -14.30 -24.09 -30.01
CA LYS A 48 -13.41 -24.60 -31.04
C LYS A 48 -14.10 -24.66 -32.43
N SER A 49 -14.38 -23.48 -33.00
CA SER A 49 -15.05 -23.35 -34.31
C SER A 49 -14.24 -22.53 -35.33
N ALA A 50 -13.47 -21.50 -34.87
CA ALA A 50 -12.67 -20.59 -35.70
C ALA A 50 -11.18 -20.96 -35.70
N ARG A 51 -10.62 -21.06 -36.89
CA ARG A 51 -9.25 -21.47 -37.10
C ARG A 51 -8.23 -20.33 -37.01
N GLN A 52 -7.10 -20.64 -36.35
CA GLN A 52 -5.92 -19.77 -36.23
C GLN A 52 -4.72 -20.43 -36.81
N TYR A 53 -3.75 -19.62 -37.25
CA TYR A 53 -2.46 -20.04 -37.75
C TYR A 53 -1.36 -19.28 -37.00
N HIS A 54 -0.22 -19.97 -36.72
CA HIS A 54 0.95 -19.36 -36.11
C HIS A 54 1.78 -18.77 -37.24
N VAL A 55 2.12 -17.47 -37.12
CA VAL A 55 2.92 -16.72 -38.11
C VAL A 55 4.11 -15.97 -37.49
N GLN A 56 5.15 -15.80 -38.30
CA GLN A 56 6.29 -14.96 -37.99
C GLN A 56 6.17 -13.72 -38.87
N PHE A 57 6.29 -12.55 -38.25
CA PHE A 57 6.26 -11.27 -38.94
C PHE A 57 7.67 -10.97 -39.45
N PHE A 58 7.78 -10.72 -40.75
CA PHE A 58 9.08 -10.39 -41.34
C PHE A 58 9.52 -8.97 -40.91
N GLY A 59 10.82 -8.72 -40.98
CA GLY A 59 11.41 -7.43 -40.65
C GLY A 59 12.69 -7.59 -39.86
N ASP A 60 13.35 -6.46 -39.55
CA ASP A 60 14.57 -6.40 -38.75
C ASP A 60 14.35 -6.74 -37.28
N ALA A 61 13.12 -6.56 -36.78
CA ALA A 61 12.76 -6.88 -35.38
C ALA A 61 11.60 -7.90 -35.45
N PRO A 62 11.88 -9.17 -35.83
CA PRO A 62 10.77 -10.12 -36.01
C PRO A 62 9.98 -10.45 -34.75
N GLU A 63 8.69 -10.75 -34.96
CA GLU A 63 7.74 -11.12 -33.90
C GLU A 63 6.96 -12.33 -34.38
N ARG A 64 6.12 -12.92 -33.51
CA ARG A 64 5.29 -14.07 -33.85
C ARG A 64 3.94 -13.96 -33.14
N ALA A 65 2.87 -14.59 -33.71
CA ALA A 65 1.49 -14.61 -33.16
C ALA A 65 0.64 -15.69 -33.77
N TRP A 66 -0.43 -16.05 -33.04
CA TRP A 66 -1.48 -16.92 -33.51
C TRP A 66 -2.53 -15.93 -34.07
N ILE A 67 -2.87 -16.07 -35.34
CA ILE A 67 -3.78 -15.16 -36.06
C ILE A 67 -4.95 -15.93 -36.63
N PHE A 68 -6.17 -15.39 -36.50
CA PHE A 68 -7.36 -15.98 -37.09
C PHE A 68 -7.21 -15.98 -38.62
N GLU A 69 -7.66 -17.07 -39.27
CA GLU A 69 -7.63 -17.27 -40.72
C GLU A 69 -8.27 -16.07 -41.47
N LYS A 70 -9.33 -15.47 -40.90
CA LYS A 70 -10.05 -14.31 -41.47
C LYS A 70 -9.18 -13.03 -41.55
N SER A 71 -8.06 -13.00 -40.77
CA SER A 71 -7.11 -11.89 -40.73
C SER A 71 -5.86 -12.21 -41.52
N LEU A 72 -5.93 -13.24 -42.38
CA LEU A 72 -4.83 -13.67 -43.26
C LEU A 72 -5.27 -13.62 -44.72
N VAL A 73 -4.33 -13.27 -45.62
CA VAL A 73 -4.49 -13.21 -47.08
C VAL A 73 -3.18 -13.74 -47.66
N ALA A 74 -3.25 -14.69 -48.62
CA ALA A 74 -2.07 -15.25 -49.30
C ALA A 74 -1.21 -14.13 -49.91
N PHE A 75 0.10 -14.19 -49.66
CA PHE A 75 1.05 -13.19 -50.16
C PHE A 75 1.55 -13.51 -51.54
N GLU A 76 1.31 -12.59 -52.45
CA GLU A 76 1.77 -12.67 -53.84
C GLU A 76 2.90 -11.63 -54.02
N GLY A 77 2.68 -10.42 -53.48
CA GLY A 77 3.63 -9.33 -53.57
C GLY A 77 3.11 -8.01 -53.03
N GLU A 78 3.98 -6.99 -53.01
CA GLU A 78 3.69 -5.64 -52.53
C GLU A 78 2.51 -4.93 -53.25
N GLY A 79 2.24 -5.28 -54.50
CA GLY A 79 1.14 -4.72 -55.28
C GLY A 79 -0.26 -4.98 -54.72
N GLN A 80 -0.38 -5.96 -53.81
CA GLN A 80 -1.65 -6.33 -53.16
C GLN A 80 -2.03 -5.35 -52.05
N PHE A 81 -1.02 -4.75 -51.39
CA PHE A 81 -1.15 -3.85 -50.24
C PHE A 81 -2.21 -2.77 -50.41
N GLU A 82 -2.21 -2.04 -51.54
CA GLU A 82 -3.19 -0.98 -51.79
C GLU A 82 -4.64 -1.46 -51.68
N LYS A 83 -4.98 -2.58 -52.36
CA LYS A 83 -6.31 -3.18 -52.32
C LYS A 83 -6.66 -3.69 -50.92
N LEU A 84 -5.68 -4.26 -50.18
CA LEU A 84 -5.89 -4.75 -48.82
C LEU A 84 -6.31 -3.62 -47.89
N CYS A 85 -5.67 -2.43 -48.01
CA CYS A 85 -6.00 -1.24 -47.23
C CYS A 85 -7.41 -0.77 -47.54
N GLN A 86 -7.74 -0.64 -48.84
CA GLN A 86 -9.06 -0.21 -49.33
C GLN A 86 -10.17 -1.14 -48.81
N GLU A 87 -9.97 -2.47 -48.95
CA GLU A 87 -10.92 -3.50 -48.49
C GLU A 87 -11.14 -3.47 -46.99
N SER A 88 -10.05 -3.32 -46.20
CA SER A 88 -10.13 -3.23 -44.75
C SER A 88 -10.86 -1.98 -44.31
N ALA A 89 -10.67 -0.85 -45.03
CA ALA A 89 -11.32 0.44 -44.77
C ALA A 89 -12.83 0.36 -44.99
N LYS A 90 -13.26 -0.26 -46.12
CA LYS A 90 -14.68 -0.42 -46.45
C LYS A 90 -15.40 -1.38 -45.49
N GLN A 91 -14.65 -2.35 -44.92
CA GLN A 91 -15.16 -3.35 -43.97
C GLN A 91 -15.23 -2.84 -42.53
N ALA A 92 -14.55 -1.72 -42.22
CA ALA A 92 -14.49 -1.11 -40.88
C ALA A 92 -15.82 -0.48 -40.46
N PRO A 93 -16.15 -0.61 -39.16
CA PRO A 93 -17.36 0.03 -38.62
C PRO A 93 -17.13 1.48 -38.22
N THR A 94 -16.13 1.75 -37.34
CA THR A 94 -15.80 3.10 -36.87
C THR A 94 -15.09 3.96 -37.92
N LYS A 95 -15.38 5.28 -37.93
CA LYS A 95 -14.80 6.27 -38.85
C LYS A 95 -13.32 6.52 -38.55
N ALA A 96 -12.91 6.36 -37.28
CA ALA A 96 -11.52 6.53 -36.84
C ALA A 96 -10.66 5.38 -37.35
N GLU A 97 -11.24 4.16 -37.39
CA GLU A 97 -10.59 2.95 -37.88
C GLU A 97 -10.33 3.09 -39.37
N LYS A 98 -11.33 3.58 -40.14
CA LYS A 98 -11.25 3.78 -41.58
C LYS A 98 -10.16 4.78 -41.96
N ILE A 99 -10.08 5.92 -41.25
CA ILE A 99 -9.12 7.01 -41.48
C ILE A 99 -7.67 6.56 -41.26
N LYS A 100 -7.43 5.80 -40.16
CA LYS A 100 -6.12 5.27 -39.78
C LYS A 100 -5.63 4.22 -40.78
N LEU A 101 -6.54 3.39 -41.31
CA LEU A 101 -6.25 2.32 -42.28
C LEU A 101 -5.73 2.86 -43.59
N LEU A 102 -6.26 4.01 -44.04
CA LEU A 102 -5.88 4.64 -45.30
C LEU A 102 -4.71 5.61 -45.15
N LYS A 103 -4.34 5.96 -43.90
CA LYS A 103 -3.21 6.84 -43.58
C LYS A 103 -1.90 6.05 -43.82
N PRO A 104 -1.02 6.49 -44.78
CA PRO A 104 0.23 5.74 -45.03
C PRO A 104 1.13 5.65 -43.80
N ILE A 105 1.78 4.48 -43.64
CA ILE A 105 2.70 4.18 -42.53
C ILE A 105 3.87 5.18 -42.50
N SER A 106 4.40 5.44 -41.31
CA SER A 106 5.48 6.41 -41.13
C SER A 106 6.54 5.97 -40.09
N GLY A 107 7.71 6.62 -40.18
CA GLY A 107 8.86 6.44 -39.31
C GLY A 107 9.49 5.07 -39.25
N LYS A 108 9.72 4.63 -38.00
CA LYS A 108 10.31 3.35 -37.63
C LYS A 108 9.47 2.18 -38.19
N LEU A 109 8.13 2.22 -37.98
CA LEU A 109 7.20 1.20 -38.44
C LEU A 109 7.23 1.02 -39.95
N ARG A 110 7.27 2.14 -40.71
CA ARG A 110 7.33 2.14 -42.17
C ARG A 110 8.63 1.47 -42.65
N ALA A 111 9.77 1.86 -42.04
CA ALA A 111 11.08 1.28 -42.36
C ALA A 111 11.09 -0.24 -42.12
N GLN A 112 10.52 -0.68 -40.99
CA GLN A 112 10.43 -2.11 -40.61
C GLN A 112 9.49 -2.91 -41.52
N TRP A 113 8.36 -2.28 -41.95
CA TRP A 113 7.41 -2.87 -42.87
C TRP A 113 8.11 -3.09 -44.21
N GLU A 114 8.91 -2.10 -44.67
CA GLU A 114 9.68 -2.16 -45.91
C GLU A 114 10.72 -3.29 -45.84
N MET A 115 11.39 -3.43 -44.69
CA MET A 115 12.35 -4.52 -44.46
C MET A 115 11.63 -5.88 -44.55
N GLY A 116 10.43 -5.95 -43.97
CA GLY A 116 9.62 -7.16 -44.04
C GLY A 116 9.29 -7.57 -45.47
N ILE A 117 8.87 -6.58 -46.31
CA ILE A 117 8.53 -6.74 -47.72
C ILE A 117 9.73 -7.30 -48.50
N VAL A 118 10.90 -6.73 -48.24
CA VAL A 118 12.15 -7.12 -48.86
C VAL A 118 12.44 -8.62 -48.56
N GLN A 119 12.29 -9.01 -47.31
CA GLN A 119 12.46 -10.38 -46.85
C GLN A 119 11.43 -11.34 -47.46
N ALA A 120 10.15 -10.90 -47.50
CA ALA A 120 9.02 -11.69 -48.03
C ALA A 120 9.17 -11.94 -49.52
N GLU A 121 9.60 -10.91 -50.29
CA GLU A 121 9.81 -10.97 -51.74
C GLU A 121 10.91 -11.93 -52.11
N GLU A 122 11.99 -12.00 -51.28
CA GLU A 122 13.09 -12.94 -51.49
C GLU A 122 12.56 -14.39 -51.23
N ALA A 123 11.81 -14.55 -50.15
CA ALA A 123 11.17 -15.80 -49.73
C ALA A 123 10.21 -16.33 -50.83
N ALA A 124 9.40 -15.44 -51.45
CA ALA A 124 8.44 -15.75 -52.51
C ALA A 124 9.08 -16.34 -53.75
N SER A 125 10.31 -15.93 -54.05
CA SER A 125 11.06 -16.40 -55.23
C SER A 125 11.65 -17.82 -55.04
N MET A 126 11.58 -18.36 -53.82
CA MET A 126 12.09 -19.67 -53.43
C MET A 126 10.98 -20.69 -53.29
N SER A 127 11.36 -21.99 -53.28
CA SER A 127 10.46 -23.09 -53.02
C SER A 127 10.12 -23.07 -51.52
N VAL A 128 9.04 -23.78 -51.13
CA VAL A 128 8.60 -23.87 -49.74
C VAL A 128 9.71 -24.45 -48.87
N GLU A 129 10.38 -25.52 -49.34
CA GLU A 129 11.50 -26.16 -48.61
C GLU A 129 12.71 -25.22 -48.40
N GLU A 130 13.08 -24.47 -49.46
CA GLU A 130 14.19 -23.55 -49.42
C GLU A 130 13.90 -22.37 -48.49
N ARG A 131 12.66 -21.80 -48.53
CA ARG A 131 12.35 -20.66 -47.68
C ARG A 131 12.19 -21.05 -46.23
N LYS A 132 11.74 -22.29 -45.95
CA LYS A 132 11.62 -22.80 -44.57
C LYS A 132 13.02 -22.81 -43.96
N ALA A 133 14.00 -23.39 -44.70
CA ALA A 133 15.40 -23.46 -44.28
C ALA A 133 16.02 -22.04 -44.06
N LYS A 134 15.80 -21.13 -45.02
CA LYS A 134 16.38 -19.80 -45.00
C LYS A 134 15.72 -18.78 -44.10
N PHE A 135 14.39 -18.69 -44.11
CA PHE A 135 13.57 -17.66 -43.45
C PHE A 135 12.83 -18.10 -42.16
N THR A 136 13.04 -19.35 -41.65
CA THR A 136 12.41 -19.70 -40.38
C THR A 136 13.30 -19.17 -39.26
N PHE A 137 12.81 -18.10 -38.58
CA PHE A 137 13.47 -17.44 -37.45
C PHE A 137 13.35 -18.32 -36.24
N LEU A 138 14.48 -18.74 -35.62
CA LEU A 138 14.47 -19.57 -34.42
C LEU A 138 14.08 -18.77 -33.16
N TYR A 139 13.47 -19.47 -32.16
CA TYR A 139 13.02 -18.89 -30.89
C TYR A 139 13.21 -19.86 -29.72
N LEU B 8 3.54 -21.87 6.14
CA LEU B 8 3.92 -22.28 4.78
C LEU B 8 3.91 -21.16 3.70
N LEU B 9 4.94 -21.13 2.81
CA LEU B 9 4.94 -20.21 1.68
C LEU B 9 3.88 -20.71 0.71
N LYS B 10 3.01 -19.80 0.25
CA LYS B 10 1.90 -20.05 -0.65
C LYS B 10 2.34 -20.62 -2.02
N TYR B 11 3.49 -20.15 -2.52
CA TYR B 11 4.02 -20.56 -3.83
C TYR B 11 5.48 -20.97 -3.77
N ASN B 12 5.90 -21.80 -4.75
CA ASN B 12 7.28 -22.26 -4.94
C ASN B 12 7.62 -22.15 -6.41
N VAL B 13 8.92 -22.26 -6.74
CA VAL B 13 9.43 -22.21 -8.11
C VAL B 13 8.68 -23.27 -8.98
N GLY B 14 8.15 -22.81 -10.12
CA GLY B 14 7.42 -23.65 -11.07
C GLY B 14 5.91 -23.53 -10.94
N ASP B 15 5.42 -22.91 -9.87
CA ASP B 15 3.98 -22.75 -9.71
C ASP B 15 3.43 -21.74 -10.71
N LEU B 16 2.31 -22.07 -11.34
CA LEU B 16 1.62 -21.21 -12.29
C LEU B 16 0.68 -20.26 -11.57
N VAL B 17 0.82 -18.95 -11.83
CA VAL B 17 0.02 -17.90 -11.20
C VAL B 17 -0.45 -16.84 -12.22
N TRP B 18 -1.48 -16.09 -11.85
CA TRP B 18 -1.94 -14.92 -12.57
C TRP B 18 -1.31 -13.75 -11.78
N SER B 19 -0.74 -12.75 -12.49
CA SER B 19 -0.14 -11.58 -11.87
C SER B 19 -0.88 -10.32 -12.32
N LYS B 20 -1.07 -9.39 -11.38
CA LYS B 20 -1.70 -8.12 -11.68
C LYS B 20 -0.69 -6.98 -11.54
N VAL B 21 -0.42 -6.30 -12.66
CA VAL B 21 0.43 -5.12 -12.77
C VAL B 21 -0.52 -4.02 -13.23
N SER B 22 -0.41 -2.84 -12.60
CA SER B 22 -1.21 -1.65 -12.93
C SER B 22 -1.09 -1.31 -14.41
N GLY B 23 -2.24 -1.13 -15.07
CA GLY B 23 -2.31 -0.81 -16.49
C GLY B 23 -2.27 -2.01 -17.41
N TYR B 24 -2.21 -3.22 -16.83
CA TYR B 24 -2.17 -4.46 -17.60
C TYR B 24 -3.27 -5.40 -17.12
N PRO B 25 -3.84 -6.28 -17.98
CA PRO B 25 -4.84 -7.24 -17.45
C PRO B 25 -4.12 -8.32 -16.63
N TRP B 26 -4.87 -9.15 -15.85
CA TRP B 26 -4.32 -10.29 -15.11
C TRP B 26 -3.59 -11.14 -16.16
N TRP B 27 -2.32 -11.46 -15.89
CA TRP B 27 -1.43 -12.10 -16.83
C TRP B 27 -0.91 -13.45 -16.36
N PRO B 28 -0.89 -14.48 -17.27
CA PRO B 28 -0.33 -15.80 -16.88
C PRO B 28 1.20 -15.77 -16.69
N CYS B 29 1.66 -16.33 -15.56
CA CYS B 29 3.04 -16.35 -15.07
C CYS B 29 3.43 -17.64 -14.46
N MET B 30 4.73 -17.78 -14.25
CA MET B 30 5.32 -18.88 -13.50
C MET B 30 6.26 -18.29 -12.43
N VAL B 31 6.18 -18.80 -11.20
CA VAL B 31 7.09 -18.39 -10.14
C VAL B 31 8.45 -18.97 -10.53
N SER B 32 9.49 -18.13 -10.47
CA SER B 32 10.85 -18.50 -10.82
C SER B 32 11.85 -17.76 -9.96
N ALA B 33 13.08 -18.31 -9.90
CA ALA B 33 14.15 -17.69 -9.15
C ALA B 33 14.69 -16.52 -10.03
N ASP B 34 14.98 -15.40 -9.40
CA ASP B 34 15.55 -14.22 -10.00
C ASP B 34 16.93 -14.65 -10.55
N PRO B 35 17.17 -14.52 -11.87
CA PRO B 35 18.45 -15.00 -12.45
C PRO B 35 19.73 -14.41 -11.88
N LEU B 36 19.64 -13.20 -11.29
CA LEU B 36 20.76 -12.48 -10.67
C LEU B 36 20.84 -12.61 -9.15
N LEU B 37 19.69 -12.55 -8.47
CA LEU B 37 19.61 -12.61 -7.00
C LEU B 37 19.54 -14.04 -6.46
N HIS B 38 19.10 -15.01 -7.30
CA HIS B 38 18.98 -16.45 -6.97
C HIS B 38 17.97 -16.71 -5.85
N SER B 39 16.92 -15.88 -5.78
CA SER B 39 15.82 -16.01 -4.83
C SER B 39 14.51 -15.86 -5.59
N TYR B 40 13.43 -16.48 -5.07
CA TYR B 40 12.12 -16.45 -5.69
C TYR B 40 11.09 -15.73 -4.84
N THR B 41 11.43 -15.49 -3.58
CA THR B 41 10.55 -14.84 -2.63
C THR B 41 11.37 -13.93 -1.73
N LYS B 42 10.75 -12.83 -1.26
CA LYS B 42 11.40 -11.89 -0.36
C LYS B 42 10.37 -10.95 0.22
N LEU B 43 10.80 -10.13 1.19
CA LEU B 43 9.98 -9.10 1.81
C LEU B 43 10.39 -7.72 1.25
N LYS B 44 9.42 -6.93 0.74
CA LYS B 44 9.66 -5.62 0.09
C LYS B 44 10.14 -4.49 1.02
N GLY B 45 11.03 -3.65 0.46
CA GLY B 45 11.51 -2.41 1.04
C GLY B 45 12.43 -2.50 2.23
N GLN B 46 12.53 -1.40 2.95
CA GLN B 46 13.39 -1.30 4.13
C GLN B 46 12.65 -1.81 5.35
N LYS B 47 11.32 -1.64 5.36
CA LYS B 47 10.41 -2.08 6.43
C LYS B 47 10.20 -3.59 6.41
N LYS B 48 10.37 -4.25 5.23
CA LYS B 48 10.25 -5.71 5.04
C LYS B 48 8.96 -6.27 5.69
N SER B 49 7.84 -5.76 5.19
CA SER B 49 6.51 -6.07 5.71
C SER B 49 5.72 -7.02 4.83
N ALA B 50 5.71 -6.77 3.51
CA ALA B 50 4.89 -7.52 2.57
C ALA B 50 5.67 -8.49 1.71
N ARG B 51 5.15 -9.71 1.54
CA ARG B 51 5.80 -10.73 0.74
C ARG B 51 5.60 -10.57 -0.75
N GLN B 52 6.71 -10.67 -1.48
CA GLN B 52 6.73 -10.68 -2.93
C GLN B 52 7.28 -12.00 -3.44
N TYR B 53 6.94 -12.32 -4.70
CA TYR B 53 7.45 -13.45 -5.45
C TYR B 53 8.00 -12.97 -6.79
N HIS B 54 9.06 -13.65 -7.25
CA HIS B 54 9.62 -13.35 -8.55
C HIS B 54 8.86 -14.24 -9.56
N VAL B 55 8.32 -13.63 -10.59
CA VAL B 55 7.51 -14.26 -11.62
C VAL B 55 8.09 -13.97 -13.02
N GLN B 56 7.85 -14.90 -13.93
CA GLN B 56 8.17 -14.81 -15.33
C GLN B 56 6.82 -14.71 -16.06
N PHE B 57 6.62 -13.66 -16.86
CA PHE B 57 5.39 -13.47 -17.63
C PHE B 57 5.48 -14.32 -18.90
N PHE B 58 4.45 -15.14 -19.15
CA PHE B 58 4.37 -15.96 -20.35
C PHE B 58 4.05 -15.06 -21.54
N GLY B 59 4.37 -15.55 -22.74
CA GLY B 59 4.12 -14.87 -24.00
C GLY B 59 5.32 -14.95 -24.92
N ASP B 60 5.18 -14.42 -26.13
CA ASP B 60 6.24 -14.39 -27.16
C ASP B 60 7.36 -13.42 -26.82
N ALA B 61 7.08 -12.41 -25.96
CA ALA B 61 8.07 -11.42 -25.51
C ALA B 61 8.10 -11.53 -23.98
N PRO B 62 8.73 -12.56 -23.41
CA PRO B 62 8.69 -12.72 -21.95
C PRO B 62 9.40 -11.64 -21.15
N GLU B 63 8.88 -11.37 -19.95
CA GLU B 63 9.41 -10.38 -19.01
C GLU B 63 9.44 -11.04 -17.61
N ARG B 64 9.99 -10.33 -16.63
CA ARG B 64 10.05 -10.84 -15.25
C ARG B 64 9.88 -9.69 -14.26
N ALA B 65 9.35 -9.97 -13.06
CA ALA B 65 9.16 -8.97 -12.02
C ALA B 65 8.99 -9.58 -10.67
N TRP B 66 9.15 -8.73 -9.61
CA TRP B 66 8.88 -9.07 -8.21
C TRP B 66 7.48 -8.51 -7.99
N ILE B 67 6.52 -9.40 -7.67
CA ILE B 67 5.12 -9.04 -7.46
C ILE B 67 4.68 -9.40 -6.03
N PHE B 68 3.86 -8.52 -5.40
CA PHE B 68 3.26 -8.75 -4.10
C PHE B 68 2.38 -9.96 -4.18
N GLU B 69 2.43 -10.82 -3.13
CA GLU B 69 1.59 -12.01 -3.01
C GLU B 69 0.07 -11.66 -3.23
N LYS B 70 -0.37 -10.47 -2.78
CA LYS B 70 -1.76 -9.97 -2.90
C LYS B 70 -2.16 -9.73 -4.35
N SER B 71 -1.16 -9.59 -5.25
CA SER B 71 -1.34 -9.38 -6.69
C SER B 71 -1.15 -10.67 -7.48
N LEU B 72 -1.14 -11.81 -6.78
CA LEU B 72 -1.01 -13.15 -7.36
C LEU B 72 -2.24 -14.02 -7.01
N VAL B 73 -2.65 -14.89 -7.95
CA VAL B 73 -3.74 -15.86 -7.84
C VAL B 73 -3.24 -17.13 -8.53
N ALA B 74 -3.38 -18.29 -7.91
CA ALA B 74 -3.01 -19.60 -8.47
C ALA B 74 -3.70 -19.80 -9.83
N PHE B 75 -2.95 -20.23 -10.84
CA PHE B 75 -3.47 -20.45 -12.18
C PHE B 75 -4.04 -21.85 -12.35
N GLU B 76 -5.32 -21.91 -12.70
CA GLU B 76 -6.05 -23.16 -13.00
C GLU B 76 -6.33 -23.22 -14.51
N GLY B 77 -6.73 -22.09 -15.09
CA GLY B 77 -7.01 -21.95 -16.51
C GLY B 77 -7.63 -20.62 -16.88
N GLU B 78 -7.82 -20.39 -18.21
CA GLU B 78 -8.40 -19.17 -18.79
C GLU B 78 -9.79 -18.81 -18.24
N GLY B 79 -10.58 -19.80 -17.83
CA GLY B 79 -11.91 -19.59 -17.27
C GLY B 79 -11.97 -18.74 -16.01
N GLN B 80 -10.82 -18.53 -15.35
CA GLN B 80 -10.72 -17.74 -14.12
C GLN B 80 -10.70 -16.24 -14.41
N PHE B 81 -10.19 -15.85 -15.59
CA PHE B 81 -9.98 -14.48 -16.05
C PHE B 81 -11.20 -13.56 -15.83
N GLU B 82 -12.39 -13.99 -16.23
CA GLU B 82 -13.61 -13.19 -16.07
C GLU B 82 -13.84 -12.78 -14.59
N LYS B 83 -13.73 -13.74 -13.65
CA LYS B 83 -13.92 -13.48 -12.20
C LYS B 83 -12.85 -12.55 -11.66
N LEU B 84 -11.59 -12.72 -12.15
CA LEU B 84 -10.46 -11.88 -11.76
C LEU B 84 -10.70 -10.44 -12.12
N CYS B 85 -11.19 -10.15 -13.34
CA CYS B 85 -11.53 -8.80 -13.83
C CYS B 85 -12.66 -8.18 -12.99
N GLN B 86 -13.74 -8.95 -12.75
CA GLN B 86 -14.89 -8.54 -11.97
C GLN B 86 -14.49 -8.19 -10.54
N GLU B 87 -13.67 -9.06 -9.88
CA GLU B 87 -13.17 -8.86 -8.52
C GLU B 87 -12.27 -7.65 -8.40
N SER B 88 -11.39 -7.44 -9.39
CA SER B 88 -10.50 -6.28 -9.43
C SER B 88 -11.29 -4.98 -9.61
N ALA B 89 -12.38 -5.02 -10.40
CA ALA B 89 -13.27 -3.88 -10.66
C ALA B 89 -14.03 -3.48 -9.39
N LYS B 90 -14.55 -4.47 -8.62
CA LYS B 90 -15.25 -4.21 -7.36
C LYS B 90 -14.31 -3.67 -6.26
N GLN B 91 -13.02 -4.05 -6.32
CA GLN B 91 -11.98 -3.61 -5.38
C GLN B 91 -11.39 -2.21 -5.71
N ALA B 92 -11.67 -1.67 -6.91
CA ALA B 92 -11.15 -0.38 -7.36
C ALA B 92 -11.93 0.78 -6.75
N ILE B 99 -12.83 1.39 -15.01
CA ILE B 99 -13.37 1.22 -16.36
C ILE B 99 -12.40 0.47 -17.28
N LYS B 100 -11.08 0.74 -17.10
CA LYS B 100 -9.99 0.13 -17.86
C LYS B 100 -9.90 -1.37 -17.57
N LEU B 101 -10.17 -1.79 -16.31
CA LEU B 101 -10.14 -3.19 -15.86
C LEU B 101 -11.15 -4.06 -16.61
N LEU B 102 -12.35 -3.52 -16.87
CA LEU B 102 -13.41 -4.26 -17.55
C LEU B 102 -13.35 -4.13 -19.08
N LYS B 103 -12.60 -3.12 -19.57
CA LYS B 103 -12.42 -2.86 -21.00
C LYS B 103 -11.52 -3.93 -21.63
N PRO B 104 -12.01 -4.71 -22.63
CA PRO B 104 -11.13 -5.75 -23.23
C PRO B 104 -9.92 -5.16 -23.96
N ILE B 105 -8.76 -5.87 -23.98
CA ILE B 105 -7.57 -5.39 -24.71
C ILE B 105 -7.64 -5.79 -26.21
N SER B 106 -6.80 -5.12 -27.04
CA SER B 106 -6.70 -5.26 -28.49
C SER B 106 -5.22 -5.12 -28.99
N GLY B 107 -5.05 -5.31 -30.31
CA GLY B 107 -3.76 -5.20 -30.97
C GLY B 107 -2.73 -6.18 -30.46
N LYS B 108 -1.50 -5.68 -30.31
CA LYS B 108 -0.29 -6.38 -29.88
C LYS B 108 -0.42 -7.06 -28.51
N LEU B 109 -0.89 -6.30 -27.50
CA LEU B 109 -1.04 -6.77 -26.13
C LEU B 109 -1.99 -7.94 -26.02
N ARG B 110 -3.12 -7.89 -26.76
CA ARG B 110 -4.13 -8.96 -26.79
C ARG B 110 -3.51 -10.26 -27.33
N ALA B 111 -2.80 -10.20 -28.49
CA ALA B 111 -2.13 -11.33 -29.14
C ALA B 111 -1.08 -11.95 -28.20
N GLN B 112 -0.34 -11.10 -27.47
CA GLN B 112 0.69 -11.54 -26.51
C GLN B 112 0.10 -12.19 -25.27
N TRP B 113 -1.04 -11.66 -24.79
CA TRP B 113 -1.79 -12.22 -23.66
C TRP B 113 -2.30 -13.60 -24.03
N GLU B 114 -2.83 -13.75 -25.27
CA GLU B 114 -3.33 -15.01 -25.84
C GLU B 114 -2.21 -16.04 -25.96
N MET B 115 -1.01 -15.60 -26.38
CA MET B 115 0.20 -16.42 -26.45
C MET B 115 0.59 -16.90 -25.04
N GLY B 116 0.43 -15.99 -24.05
CA GLY B 116 0.72 -16.24 -22.64
C GLY B 116 -0.12 -17.37 -22.09
N ILE B 117 -1.44 -17.33 -22.41
CA ILE B 117 -2.47 -18.33 -22.03
C ILE B 117 -2.17 -19.70 -22.67
N VAL B 118 -1.82 -19.70 -23.95
CA VAL B 118 -1.45 -20.90 -24.71
C VAL B 118 -0.23 -21.57 -24.04
N GLN B 119 0.76 -20.77 -23.65
CA GLN B 119 1.96 -21.26 -22.97
C GLN B 119 1.65 -21.77 -21.56
N ALA B 120 0.79 -21.06 -20.81
CA ALA B 120 0.43 -21.44 -19.43
C ALA B 120 -0.36 -22.73 -19.39
N GLU B 121 -1.29 -22.88 -20.36
CA GLU B 121 -2.10 -24.08 -20.53
C GLU B 121 -1.25 -25.33 -20.87
N GLU B 122 -0.17 -25.17 -21.64
CA GLU B 122 0.79 -26.22 -22.01
C GLU B 122 1.68 -26.53 -20.78
N ALA B 123 2.07 -25.48 -20.03
CA ALA B 123 2.87 -25.58 -18.79
C ALA B 123 2.14 -26.38 -17.70
N ALA B 124 0.81 -26.21 -17.59
CA ALA B 124 -0.03 -26.94 -16.63
C ALA B 124 -0.05 -28.43 -16.89
N SER B 125 0.10 -28.86 -18.16
CA SER B 125 0.11 -30.31 -18.52
C SER B 125 1.49 -30.97 -18.29
N MET B 126 2.49 -30.19 -17.87
CA MET B 126 3.85 -30.64 -17.60
C MET B 126 4.11 -30.70 -16.10
N SER B 127 5.15 -31.46 -15.72
CA SER B 127 5.57 -31.53 -14.32
C SER B 127 6.32 -30.24 -14.00
N VAL B 128 6.47 -29.94 -12.70
CA VAL B 128 7.18 -28.77 -12.22
C VAL B 128 8.60 -28.73 -12.81
N GLU B 129 9.32 -29.86 -12.79
CA GLU B 129 10.68 -30.00 -13.32
C GLU B 129 10.75 -29.78 -14.82
N GLU B 130 9.74 -30.31 -15.57
CA GLU B 130 9.61 -30.14 -17.02
C GLU B 130 9.44 -28.66 -17.37
N ARG B 131 8.45 -28.00 -16.77
CA ARG B 131 8.13 -26.61 -17.10
C ARG B 131 9.27 -25.66 -16.69
N LYS B 132 10.01 -25.99 -15.62
CA LYS B 132 11.18 -25.21 -15.21
C LYS B 132 12.27 -25.29 -16.31
N ALA B 133 12.53 -26.50 -16.81
CA ALA B 133 13.51 -26.74 -17.87
C ALA B 133 13.10 -26.07 -19.19
N LYS B 134 11.81 -26.14 -19.54
CA LYS B 134 11.30 -25.56 -20.79
C LYS B 134 11.22 -24.00 -20.79
N PHE B 135 10.79 -23.38 -19.64
CA PHE B 135 10.55 -21.94 -19.55
C PHE B 135 11.60 -21.10 -18.75
N THR B 136 12.41 -21.68 -17.84
CA THR B 136 13.43 -20.83 -17.18
C THR B 136 14.59 -20.51 -18.16
N PHE B 137 15.07 -19.26 -18.10
N LEU C 8 40.34 13.66 -6.39
CA LEU C 8 40.28 14.07 -7.79
C LEU C 8 38.84 13.96 -8.33
N LEU C 9 38.54 12.86 -9.05
CA LEU C 9 37.23 12.56 -9.63
C LEU C 9 36.27 12.10 -8.54
N LYS C 10 35.01 12.57 -8.58
CA LYS C 10 33.99 12.23 -7.59
C LYS C 10 33.62 10.72 -7.59
N TYR C 11 33.63 10.08 -8.78
CA TYR C 11 33.26 8.66 -8.95
C TYR C 11 34.28 7.89 -9.77
N ASN C 12 34.29 6.56 -9.60
CA ASN C 12 35.11 5.60 -10.35
C ASN C 12 34.23 4.41 -10.79
N VAL C 13 34.76 3.55 -11.69
CA VAL C 13 34.09 2.34 -12.17
C VAL C 13 33.69 1.46 -10.95
N GLY C 14 32.43 1.05 -10.89
CA GLY C 14 31.92 0.24 -9.79
C GLY C 14 31.15 1.03 -8.75
N ASP C 15 31.25 2.37 -8.77
CA ASP C 15 30.51 3.22 -7.83
C ASP C 15 29.02 3.27 -8.15
N LEU C 16 28.20 3.13 -7.11
CA LEU C 16 26.76 3.14 -7.23
C LEU C 16 26.25 4.57 -7.14
N VAL C 17 25.40 4.98 -8.09
CA VAL C 17 24.85 6.33 -8.17
C VAL C 17 23.40 6.31 -8.56
N TRP C 18 22.68 7.39 -8.25
CA TRP C 18 21.33 7.65 -8.70
C TRP C 18 21.54 8.56 -9.94
N SER C 19 20.85 8.29 -11.05
CA SER C 19 20.92 9.12 -12.27
C SER C 19 19.57 9.71 -12.62
N LYS C 20 19.59 10.96 -13.07
CA LYS C 20 18.37 11.65 -13.46
C LYS C 20 18.35 11.93 -14.98
N VAL C 21 17.33 11.37 -15.63
CA VAL C 21 17.04 11.55 -17.04
C VAL C 21 15.61 12.13 -17.06
N SER C 22 15.41 13.15 -17.90
CA SER C 22 14.14 13.84 -18.08
C SER C 22 13.03 12.84 -18.42
N GLY C 23 11.94 12.90 -17.67
CA GLY C 23 10.77 12.02 -17.83
C GLY C 23 10.87 10.70 -17.10
N TYR C 24 11.95 10.51 -16.34
CA TYR C 24 12.19 9.28 -15.57
C TYR C 24 12.47 9.65 -14.12
N PRO C 25 12.08 8.84 -13.14
CA PRO C 25 12.46 9.17 -11.76
C PRO C 25 13.96 8.91 -11.55
N TRP C 26 14.56 9.42 -10.45
CA TRP C 26 15.97 9.13 -10.08
C TRP C 26 16.09 7.62 -10.06
N TRP C 27 17.08 7.09 -10.79
CA TRP C 27 17.27 5.67 -11.07
C TRP C 27 18.59 5.11 -10.56
N PRO C 28 18.58 3.90 -9.96
CA PRO C 28 19.84 3.29 -9.48
C PRO C 28 20.73 2.80 -10.64
N CYS C 29 22.01 3.19 -10.59
CA CYS C 29 23.04 2.95 -11.59
C CYS C 29 24.34 2.56 -10.99
N MET C 30 25.23 2.06 -11.83
CA MET C 30 26.60 1.81 -11.48
C MET C 30 27.45 2.50 -12.57
N VAL C 31 28.50 3.24 -12.17
CA VAL C 31 29.48 3.85 -13.08
C VAL C 31 30.26 2.67 -13.73
N SER C 32 30.34 2.68 -15.06
CA SER C 32 31.00 1.64 -15.87
C SER C 32 31.77 2.25 -17.07
N ALA C 33 32.69 1.49 -17.63
CA ALA C 33 33.41 1.93 -18.82
C ALA C 33 32.50 1.70 -20.05
N ASP C 34 32.50 2.65 -20.99
CA ASP C 34 31.76 2.54 -22.23
C ASP C 34 32.36 1.34 -23.01
N PRO C 35 31.55 0.31 -23.39
CA PRO C 35 32.11 -0.85 -24.10
C PRO C 35 32.81 -0.56 -25.44
N LEU C 36 32.45 0.55 -26.10
CA LEU C 36 33.01 0.98 -27.38
C LEU C 36 34.10 2.05 -27.25
N LEU C 37 33.92 3.03 -26.35
CA LEU C 37 34.90 4.10 -26.16
C LEU C 37 36.00 3.78 -25.15
N HIS C 38 35.78 2.79 -24.28
CA HIS C 38 36.69 2.31 -23.24
C HIS C 38 37.09 3.42 -22.22
N SER C 39 36.14 4.30 -21.91
CA SER C 39 36.27 5.36 -20.93
C SER C 39 35.01 5.40 -20.06
N TYR C 40 35.13 5.91 -18.83
CA TYR C 40 34.01 5.99 -17.89
C TYR C 40 33.64 7.42 -17.52
N THR C 41 34.53 8.37 -17.91
CA THR C 41 34.37 9.80 -17.63
C THR C 41 34.96 10.58 -18.77
N LYS C 42 34.43 11.80 -19.00
CA LYS C 42 34.88 12.72 -20.05
C LYS C 42 34.36 14.11 -19.79
N LEU C 43 34.94 15.10 -20.51
CA LEU C 43 34.51 16.49 -20.47
C LEU C 43 33.80 16.85 -21.77
N LYS C 44 32.78 17.69 -21.66
CA LYS C 44 32.05 18.19 -22.84
C LYS C 44 32.25 19.69 -22.92
N GLY C 45 32.50 20.19 -24.14
CA GLY C 45 32.76 21.60 -24.42
N SER C 49 33.54 23.45 -20.20
CA SER C 49 33.92 22.15 -19.68
C SER C 49 33.11 21.75 -18.45
N ALA C 50 32.31 20.70 -18.60
CA ALA C 50 31.47 20.06 -17.60
C ALA C 50 31.73 18.54 -17.69
N ARG C 51 31.82 17.87 -16.54
CA ARG C 51 32.13 16.45 -16.50
C ARG C 51 30.91 15.52 -16.63
N GLN C 52 31.08 14.42 -17.39
CA GLN C 52 30.10 13.36 -17.57
C GLN C 52 30.69 12.05 -17.15
N TYR C 53 29.80 11.12 -16.74
CA TYR C 53 30.15 9.75 -16.39
C TYR C 53 29.29 8.78 -17.19
N HIS C 54 29.87 7.61 -17.51
CA HIS C 54 29.13 6.54 -18.22
C HIS C 54 28.48 5.61 -17.19
N VAL C 55 27.16 5.52 -17.20
CA VAL C 55 26.40 4.71 -16.23
C VAL C 55 25.63 3.54 -16.89
N GLN C 56 25.41 2.50 -16.09
CA GLN C 56 24.58 1.34 -16.44
C GLN C 56 23.38 1.44 -15.55
N PHE C 57 22.18 1.48 -16.13
CA PHE C 57 20.94 1.50 -15.35
C PHE C 57 20.61 0.06 -14.91
N PHE C 58 20.43 -0.12 -13.58
CA PHE C 58 20.03 -1.40 -13.01
C PHE C 58 18.54 -1.68 -13.40
N GLY C 59 18.18 -2.96 -13.38
CA GLY C 59 16.83 -3.44 -13.68
C GLY C 59 16.87 -4.67 -14.56
N ASP C 60 15.70 -5.22 -14.84
CA ASP C 60 15.51 -6.42 -15.69
C ASP C 60 15.76 -6.10 -17.20
N ALA C 61 15.62 -4.82 -17.61
CA ALA C 61 15.86 -4.40 -19.00
C ALA C 61 16.98 -3.33 -18.93
N PRO C 62 18.25 -3.71 -18.69
CA PRO C 62 19.28 -2.70 -18.51
C PRO C 62 19.58 -1.83 -19.74
N GLU C 63 19.99 -0.59 -19.49
CA GLU C 63 20.38 0.41 -20.49
C GLU C 63 21.65 1.07 -19.98
N ARG C 64 22.25 1.92 -20.81
CA ARG C 64 23.45 2.69 -20.47
C ARG C 64 23.40 4.09 -21.08
N ALA C 65 24.02 5.08 -20.40
CA ALA C 65 24.08 6.48 -20.87
C ALA C 65 25.27 7.26 -20.28
N TRP C 66 25.71 8.37 -20.98
CA TRP C 66 26.69 9.34 -20.52
C TRP C 66 25.85 10.43 -19.82
N ILE C 67 26.07 10.65 -18.53
CA ILE C 67 25.29 11.59 -17.71
C ILE C 67 26.21 12.62 -17.11
N PHE C 68 25.79 13.88 -17.14
CA PHE C 68 26.51 14.98 -16.48
C PHE C 68 26.53 14.78 -14.96
N GLU C 69 27.69 15.02 -14.32
CA GLU C 69 27.94 14.86 -12.88
C GLU C 69 26.85 15.49 -12.00
N LYS C 70 26.28 16.64 -12.44
CA LYS C 70 25.22 17.39 -11.73
C LYS C 70 23.90 16.62 -11.68
N SER C 71 23.74 15.60 -12.53
CA SER C 71 22.57 14.72 -12.57
C SER C 71 22.83 13.37 -11.93
N LEU C 72 23.93 13.27 -11.16
CA LEU C 72 24.32 12.09 -10.38
C LEU C 72 24.36 12.42 -8.89
N VAL C 73 23.98 11.44 -8.05
CA VAL C 73 24.01 11.50 -6.58
C VAL C 73 24.50 10.13 -6.12
N ALA C 74 25.46 10.07 -5.20
CA ALA C 74 26.01 8.81 -4.67
C ALA C 74 24.89 7.95 -4.09
N PHE C 75 24.87 6.66 -4.41
CA PHE C 75 23.83 5.75 -3.91
C PHE C 75 24.22 5.15 -2.57
N GLU C 76 23.36 5.39 -1.58
CA GLU C 76 23.47 4.87 -0.22
C GLU C 76 22.38 3.82 -0.01
N GLY C 77 21.17 4.11 -0.47
CA GLY C 77 20.03 3.22 -0.37
C GLY C 77 18.72 3.86 -0.80
N GLU C 78 17.62 3.05 -0.80
CA GLU C 78 16.27 3.50 -1.18
C GLU C 78 15.72 4.67 -0.35
N GLY C 79 16.17 4.79 0.90
CA GLY C 79 15.79 5.86 1.83
C GLY C 79 16.12 7.27 1.36
N GLN C 80 16.99 7.41 0.34
CA GLN C 80 17.40 8.69 -0.24
C GLN C 80 16.36 9.24 -1.21
N PHE C 81 15.66 8.32 -1.95
CA PHE C 81 14.68 8.62 -2.98
C PHE C 81 13.63 9.69 -2.59
N GLU C 82 13.01 9.54 -1.40
CA GLU C 82 12.00 10.47 -0.89
C GLU C 82 12.53 11.92 -0.83
N LYS C 83 13.73 12.13 -0.25
CA LYS C 83 14.37 13.44 -0.11
N ILE C 105 4.20 7.47 -12.51
CA ILE C 105 5.00 6.47 -13.22
C ILE C 105 4.22 5.18 -13.54
N SER C 106 4.33 4.69 -14.82
CA SER C 106 3.72 3.46 -15.38
C SER C 106 3.94 2.23 -14.48
N GLY C 107 3.02 1.26 -14.58
CA GLY C 107 3.07 -0.01 -13.86
C GLY C 107 4.36 -0.75 -14.17
N LYS C 108 4.71 -0.88 -15.48
CA LYS C 108 5.95 -1.46 -16.00
C LYS C 108 7.18 -0.71 -15.48
N LEU C 109 7.20 0.62 -15.61
CA LEU C 109 8.32 1.44 -15.16
C LEU C 109 8.60 1.32 -13.67
N ARG C 110 7.54 1.31 -12.85
CA ARG C 110 7.59 1.16 -11.39
C ARG C 110 8.22 -0.19 -11.03
N ALA C 111 7.77 -1.27 -11.70
CA ALA C 111 8.26 -2.63 -11.48
C ALA C 111 9.75 -2.72 -11.79
N GLN C 112 10.17 -2.13 -12.91
CA GLN C 112 11.56 -2.10 -13.37
C GLN C 112 12.47 -1.26 -12.45
N TRP C 113 11.94 -0.14 -11.92
CA TRP C 113 12.64 0.73 -10.98
C TRP C 113 12.90 -0.05 -9.68
N GLU C 114 11.88 -0.80 -9.21
CA GLU C 114 11.96 -1.65 -8.02
C GLU C 114 13.00 -2.75 -8.21
N MET C 115 13.05 -3.39 -9.40
CA MET C 115 14.05 -4.39 -9.77
C MET C 115 15.47 -3.74 -9.74
N GLY C 116 15.56 -2.51 -10.23
CA GLY C 116 16.81 -1.74 -10.17
C GLY C 116 17.33 -1.54 -8.75
N ILE C 117 16.43 -1.17 -7.80
CA ILE C 117 16.69 -0.96 -6.36
C ILE C 117 17.19 -2.25 -5.70
N VAL C 118 16.50 -3.34 -5.99
CA VAL C 118 16.81 -4.68 -5.50
C VAL C 118 18.24 -5.08 -5.93
N GLN C 119 18.59 -4.83 -7.20
CA GLN C 119 19.92 -5.11 -7.74
C GLN C 119 20.98 -4.21 -7.12
N ALA C 120 20.67 -2.90 -6.94
CA ALA C 120 21.58 -1.90 -6.37
C ALA C 120 21.91 -2.19 -4.92
N GLU C 121 20.90 -2.63 -4.12
CA GLU C 121 21.04 -2.99 -2.72
C GLU C 121 21.92 -4.22 -2.56
N GLU C 122 21.83 -5.19 -3.50
CA GLU C 122 22.65 -6.39 -3.47
C GLU C 122 24.10 -5.99 -3.82
N ALA C 123 24.26 -5.10 -4.82
CA ALA C 123 25.54 -4.56 -5.26
C ALA C 123 26.27 -3.79 -4.14
N ALA C 124 25.51 -3.00 -3.33
CA ALA C 124 26.03 -2.23 -2.20
C ALA C 124 26.66 -3.11 -1.12
N SER C 125 26.13 -4.33 -0.93
CA SER C 125 26.62 -5.31 0.06
C SER C 125 27.92 -6.02 -0.38
N MET C 126 28.34 -5.80 -1.62
CA MET C 126 29.55 -6.39 -2.21
C MET C 126 30.68 -5.38 -2.31
N SER C 127 31.91 -5.87 -2.49
CA SER C 127 33.09 -5.04 -2.72
C SER C 127 33.01 -4.51 -4.15
N VAL C 128 33.77 -3.43 -4.46
CA VAL C 128 33.79 -2.82 -5.79
C VAL C 128 34.16 -3.84 -6.86
N GLU C 129 35.18 -4.68 -6.58
CA GLU C 129 35.64 -5.73 -7.51
C GLU C 129 34.59 -6.82 -7.76
N GLU C 130 33.91 -7.27 -6.68
CA GLU C 130 32.86 -8.29 -6.75
C GLU C 130 31.62 -7.79 -7.53
N ARG C 131 31.16 -6.53 -7.29
CA ARG C 131 29.99 -6.00 -8.01
C ARG C 131 30.28 -5.69 -9.46
N LYS C 132 31.54 -5.30 -9.79
CA LYS C 132 31.97 -5.05 -11.16
C LYS C 132 31.86 -6.35 -11.94
N ALA C 133 32.38 -7.46 -11.37
CA ALA C 133 32.34 -8.80 -11.96
C ALA C 133 30.89 -9.29 -12.16
N LYS C 134 30.02 -9.10 -11.15
CA LYS C 134 28.64 -9.54 -11.18
C LYS C 134 27.72 -8.71 -12.09
N PHE C 135 27.86 -7.37 -12.10
CA PHE C 135 26.93 -6.51 -12.85
C PHE C 135 27.43 -5.86 -14.14
N THR C 136 28.72 -5.85 -14.41
CA THR C 136 29.13 -5.27 -15.68
C THR C 136 28.69 -6.22 -16.82
N PHE C 137 27.83 -5.72 -17.73
CA PHE C 137 27.29 -6.45 -18.89
C PHE C 137 28.39 -6.76 -19.91
N LEU C 138 28.31 -7.93 -20.59
CA LEU C 138 29.27 -8.36 -21.62
N LEU D 9 28.94 4.42 -57.29
CA LEU D 9 28.09 4.49 -56.10
C LEU D 9 28.63 5.52 -55.13
N LYS D 10 27.76 6.40 -54.60
CA LYS D 10 28.11 7.47 -53.68
C LYS D 10 28.70 6.96 -52.36
N TYR D 11 28.21 5.81 -51.86
CA TYR D 11 28.66 5.21 -50.59
C TYR D 11 29.02 3.73 -50.73
N ASN D 12 29.85 3.23 -49.80
CA ASN D 12 30.24 1.82 -49.69
C ASN D 12 30.19 1.42 -48.21
N VAL D 13 30.24 0.10 -47.92
CA VAL D 13 30.23 -0.46 -46.57
C VAL D 13 31.32 0.23 -45.71
N GLY D 14 30.94 0.75 -44.54
CA GLY D 14 31.84 1.44 -43.64
C GLY D 14 31.76 2.96 -43.71
N ASP D 15 31.12 3.51 -44.74
CA ASP D 15 31.01 4.96 -44.88
C ASP D 15 30.04 5.52 -43.85
N LEU D 16 30.44 6.62 -43.19
CA LEU D 16 29.63 7.30 -42.17
C LEU D 16 28.72 8.32 -42.83
N VAL D 17 27.42 8.22 -42.54
CA VAL D 17 26.37 9.10 -43.05
C VAL D 17 25.41 9.52 -41.94
N TRP D 18 24.64 10.61 -42.18
CA TRP D 18 23.52 11.08 -41.36
C TRP D 18 22.29 10.52 -42.10
N SER D 19 21.31 9.96 -41.37
CA SER D 19 20.07 9.45 -41.96
C SER D 19 18.88 10.19 -41.40
N LYS D 20 17.90 10.48 -42.26
CA LYS D 20 16.67 11.13 -41.84
C LYS D 20 15.47 10.17 -41.97
N VAL D 21 14.85 9.88 -40.82
CA VAL D 21 13.65 9.06 -40.68
C VAL D 21 12.58 10.00 -40.12
N SER D 22 11.38 9.96 -40.72
CA SER D 22 10.22 10.74 -40.31
C SER D 22 9.94 10.56 -38.80
N GLY D 23 9.85 11.71 -38.09
CA GLY D 23 9.61 11.74 -36.66
C GLY D 23 10.86 11.62 -35.80
N TYR D 24 12.03 11.56 -36.42
CA TYR D 24 13.30 11.45 -35.72
C TYR D 24 14.26 12.54 -36.20
N PRO D 25 15.23 13.01 -35.38
CA PRO D 25 16.21 13.98 -35.90
C PRO D 25 17.22 13.29 -36.83
N TRP D 26 18.04 14.07 -37.60
CA TRP D 26 19.10 13.50 -38.43
C TRP D 26 19.98 12.69 -37.47
N TRP D 27 20.26 11.44 -37.83
CA TRP D 27 20.93 10.48 -36.95
C TRP D 27 22.23 9.93 -37.53
N PRO D 28 23.28 9.80 -36.68
CA PRO D 28 24.56 9.25 -37.17
C PRO D 28 24.49 7.75 -37.47
N CYS D 29 24.94 7.34 -38.66
CA CYS D 29 24.90 5.98 -39.20
C CYS D 29 26.17 5.56 -39.89
N MET D 30 26.25 4.25 -40.16
CA MET D 30 27.28 3.64 -40.96
C MET D 30 26.62 2.75 -42.01
N VAL D 31 27.07 2.83 -43.26
CA VAL D 31 26.57 1.96 -44.34
C VAL D 31 27.12 0.55 -44.02
N SER D 32 26.24 -0.45 -44.08
CA SER D 32 26.53 -1.86 -43.79
C SER D 32 25.71 -2.82 -44.70
N ALA D 33 26.09 -4.11 -44.74
CA ALA D 33 25.32 -5.06 -45.55
C ALA D 33 24.19 -5.65 -44.72
N ASP D 34 23.14 -6.14 -45.38
CA ASP D 34 22.03 -6.73 -44.67
C ASP D 34 22.50 -8.07 -44.03
N PRO D 35 22.34 -8.30 -42.69
CA PRO D 35 22.81 -9.59 -42.11
C PRO D 35 22.18 -10.86 -42.71
N LEU D 36 20.97 -10.74 -43.29
CA LEU D 36 20.23 -11.84 -43.93
C LEU D 36 20.36 -11.84 -45.45
N LEU D 37 20.31 -10.65 -46.10
CA LEU D 37 20.36 -10.56 -47.57
C LEU D 37 21.77 -10.50 -48.12
N HIS D 38 22.74 -10.07 -47.30
CA HIS D 38 24.16 -9.89 -47.64
C HIS D 38 24.40 -8.85 -48.77
N SER D 39 23.55 -7.80 -48.81
CA SER D 39 23.63 -6.69 -49.77
C SER D 39 23.55 -5.35 -49.02
N TYR D 40 24.33 -4.33 -49.48
CA TYR D 40 24.44 -3.01 -48.83
C TYR D 40 23.74 -1.87 -49.61
N THR D 41 23.33 -2.15 -50.85
CA THR D 41 22.67 -1.20 -51.74
C THR D 41 21.72 -1.92 -52.67
N LYS D 42 20.66 -1.23 -53.09
CA LYS D 42 19.64 -1.76 -54.01
C LYS D 42 18.85 -0.62 -54.61
N LEU D 43 18.13 -0.93 -55.69
CA LEU D 43 17.28 0.02 -56.37
C LEU D 43 15.82 -0.27 -56.04
N LYS D 44 15.08 0.81 -55.70
CA LYS D 44 13.65 0.81 -55.37
C LYS D 44 12.89 1.81 -56.28
N GLY D 45 12.22 1.27 -57.30
CA GLY D 45 11.45 2.03 -58.27
CA ALA D 50 15.95 5.30 -56.82
C ALA D 50 16.79 4.35 -55.95
N ARG D 51 18.04 4.72 -55.63
CA ARG D 51 18.97 3.90 -54.86
C ARG D 51 18.89 4.07 -53.35
N GLN D 52 18.78 2.92 -52.67
CA GLN D 52 18.75 2.79 -51.22
C GLN D 52 20.03 2.16 -50.72
N TYR D 53 20.36 2.45 -49.48
CA TYR D 53 21.51 1.89 -48.79
C TYR D 53 21.04 1.32 -47.45
N HIS D 54 21.70 0.25 -47.00
CA HIS D 54 21.42 -0.37 -45.71
C HIS D 54 22.34 0.29 -44.71
N VAL D 55 21.75 0.86 -43.66
CA VAL D 55 22.41 1.63 -42.62
C VAL D 55 22.28 0.97 -41.25
N GLN D 56 23.22 1.28 -40.39
CA GLN D 56 23.20 0.88 -39.02
C GLN D 56 23.18 2.20 -38.25
N PHE D 57 22.17 2.41 -37.40
CA PHE D 57 22.07 3.61 -36.57
C PHE D 57 22.96 3.45 -35.36
N PHE D 58 23.83 4.44 -35.11
CA PHE D 58 24.73 4.42 -33.96
C PHE D 58 23.92 4.71 -32.68
N GLY D 59 24.47 4.29 -31.54
CA GLY D 59 23.87 4.48 -30.24
C GLY D 59 23.96 3.22 -29.41
N ASP D 60 23.49 3.32 -28.16
CA ASP D 60 23.48 2.21 -27.19
C ASP D 60 22.46 1.13 -27.57
N ALA D 61 21.39 1.50 -28.30
CA ALA D 61 20.34 0.56 -28.74
C ALA D 61 20.35 0.58 -30.29
N PRO D 62 21.36 -0.02 -30.95
CA PRO D 62 21.43 0.10 -32.42
C PRO D 62 20.29 -0.54 -33.20
N GLU D 63 19.96 0.06 -34.33
CA GLU D 63 18.92 -0.36 -35.26
C GLU D 63 19.50 -0.35 -36.67
N ARG D 64 18.76 -0.87 -37.63
CA ARG D 64 19.18 -0.92 -39.02
C ARG D 64 17.98 -0.66 -39.93
N ALA D 65 18.25 -0.12 -41.13
CA ALA D 65 17.20 0.19 -42.10
C ALA D 65 17.74 0.40 -43.50
N TRP D 66 16.87 0.26 -44.52
CA TRP D 66 17.15 0.56 -45.93
C TRP D 66 16.66 2.00 -46.11
N ILE D 67 17.59 2.92 -46.43
CA ILE D 67 17.28 4.34 -46.57
C ILE D 67 17.61 4.82 -47.98
N PHE D 68 16.72 5.66 -48.57
CA PHE D 68 16.95 6.28 -49.87
C PHE D 68 18.15 7.21 -49.77
N GLU D 69 19.01 7.23 -50.81
CA GLU D 69 20.22 8.08 -50.92
C GLU D 69 19.90 9.57 -50.62
N LYS D 70 18.69 10.06 -51.06
CA LYS D 70 18.22 11.43 -50.85
C LYS D 70 18.05 11.80 -49.37
N SER D 71 17.90 10.77 -48.50
CA SER D 71 17.74 10.92 -47.04
C SER D 71 19.06 10.65 -46.30
N LEU D 72 20.18 10.61 -47.05
CA LEU D 72 21.53 10.41 -46.52
C LEU D 72 22.41 11.61 -46.85
N VAL D 73 23.32 11.96 -45.93
CA VAL D 73 24.29 13.05 -46.06
C VAL D 73 25.59 12.49 -45.45
N ALA D 74 26.72 12.62 -46.15
CA ALA D 74 28.02 12.17 -45.66
C ALA D 74 28.33 12.82 -44.29
N PHE D 75 28.74 11.98 -43.32
CA PHE D 75 29.05 12.44 -41.98
C PHE D 75 30.48 12.95 -41.86
N GLU D 76 30.61 14.22 -41.44
CA GLU D 76 31.87 14.89 -41.19
C GLU D 76 32.02 15.09 -39.67
N GLY D 77 30.93 15.50 -39.01
CA GLY D 77 30.89 15.74 -37.57
C GLY D 77 29.61 16.36 -37.08
N GLU D 78 29.50 16.53 -35.75
CA GLU D 78 28.33 17.10 -35.06
C GLU D 78 27.96 18.53 -35.51
N GLY D 79 28.93 19.30 -35.99
CA GLY D 79 28.74 20.67 -36.46
C GLY D 79 27.79 20.82 -37.63
N GLN D 80 27.53 19.71 -38.35
CA GLN D 80 26.64 19.67 -39.52
C GLN D 80 25.16 19.66 -39.09
N PHE D 81 24.85 19.10 -37.92
CA PHE D 81 23.50 18.91 -37.39
C PHE D 81 22.60 20.14 -37.47
N GLU D 82 23.10 21.31 -36.99
CA GLU D 82 22.33 22.55 -37.00
C GLU D 82 21.82 22.91 -38.40
N LYS D 83 22.70 22.86 -39.43
CA LYS D 83 22.33 23.15 -40.81
C LYS D 83 21.34 22.12 -41.38
N LEU D 84 21.50 20.84 -41.00
CA LEU D 84 20.61 19.76 -41.44
C LEU D 84 19.17 19.99 -40.95
N CYS D 85 19.02 20.44 -39.68
CA CYS D 85 17.71 20.80 -39.09
C CYS D 85 17.11 21.98 -39.82
N GLN D 86 17.97 22.96 -40.19
CA GLN D 86 17.62 24.20 -40.90
C GLN D 86 17.12 23.92 -42.32
N GLU D 87 17.83 23.04 -43.07
CA GLU D 87 17.41 22.65 -44.42
C GLU D 87 16.07 21.88 -44.36
N SER D 88 15.92 20.92 -43.40
CA SER D 88 14.70 20.13 -43.19
C SER D 88 13.49 21.01 -42.81
N ALA D 89 13.73 22.10 -42.04
CA ALA D 89 12.73 23.07 -41.61
C ALA D 89 12.17 23.84 -42.79
N LYS D 90 13.03 24.28 -43.73
CA LYS D 90 12.62 25.03 -44.93
C LYS D 90 11.82 24.16 -45.90
N GLN D 91 12.05 22.82 -45.88
CA GLN D 91 11.37 21.84 -46.72
C GLN D 91 9.99 21.44 -46.16
N ALA D 92 9.76 21.66 -44.85
CA ALA D 92 8.50 21.35 -44.17
N LYS D 98 7.37 21.90 -38.20
CA LYS D 98 8.41 22.91 -38.22
C LYS D 98 8.92 23.17 -36.81
N ILE D 99 8.00 23.33 -35.84
CA ILE D 99 8.30 23.58 -34.42
C ILE D 99 9.07 22.43 -33.77
N LYS D 100 8.72 21.17 -34.11
CA LYS D 100 9.37 19.97 -33.58
C LYS D 100 10.82 19.84 -34.10
N LEU D 101 11.05 20.22 -35.38
CA LEU D 101 12.36 20.18 -36.03
C LEU D 101 13.39 21.10 -35.36
N LEU D 102 12.94 22.29 -34.91
CA LEU D 102 13.77 23.30 -34.25
C LEU D 102 13.87 23.12 -32.73
N LYS D 103 12.97 22.30 -32.15
CA LYS D 103 12.92 21.99 -30.72
C LYS D 103 14.07 21.05 -30.37
N PRO D 104 14.97 21.44 -29.44
CA PRO D 104 16.10 20.54 -29.08
C PRO D 104 15.60 19.19 -28.53
N ILE D 105 16.18 18.06 -28.98
CA ILE D 105 15.78 16.71 -28.52
C ILE D 105 15.87 16.60 -27.00
N SER D 106 14.99 15.81 -26.39
CA SER D 106 14.99 15.68 -24.94
C SER D 106 14.69 14.24 -24.48
N GLY D 107 15.16 13.89 -23.28
CA GLY D 107 14.99 12.59 -22.65
C GLY D 107 15.88 11.45 -23.11
N LYS D 108 15.26 10.25 -23.23
CA LYS D 108 15.90 8.99 -23.67
C LYS D 108 16.46 9.12 -25.09
N LEU D 109 15.67 9.66 -26.03
CA LEU D 109 16.08 9.87 -27.43
C LEU D 109 17.30 10.80 -27.52
N ARG D 110 17.35 11.88 -26.69
CA ARG D 110 18.49 12.80 -26.69
C ARG D 110 19.77 12.07 -26.23
N ALA D 111 19.64 11.33 -25.13
CA ALA D 111 20.75 10.57 -24.58
C ALA D 111 21.30 9.58 -25.62
N GLN D 112 20.42 8.87 -26.32
CA GLN D 112 20.76 7.89 -27.37
C GLN D 112 21.38 8.53 -28.61
N TRP D 113 20.88 9.72 -29.01
CA TRP D 113 21.41 10.49 -30.13
C TRP D 113 22.82 10.94 -29.80
N GLU D 114 23.04 11.41 -28.56
CA GLU D 114 24.34 11.84 -28.06
C GLU D 114 25.34 10.68 -28.07
N MET D 115 24.89 9.48 -27.66
CA MET D 115 25.67 8.24 -27.67
C MET D 115 26.05 7.90 -29.12
N GLY D 116 25.09 8.08 -30.03
CA GLY D 116 25.29 7.88 -31.46
C GLY D 116 26.41 8.73 -31.99
N ILE D 117 26.41 10.03 -31.61
CA ILE D 117 27.42 11.03 -31.99
C ILE D 117 28.81 10.62 -31.50
N VAL D 118 28.99 10.34 -30.18
CA VAL D 118 30.31 9.95 -29.65
C VAL D 118 30.81 8.65 -30.34
N GLN D 119 29.90 7.72 -30.75
CA GLN D 119 30.28 6.51 -31.48
C GLN D 119 30.74 6.82 -32.93
N ALA D 120 30.01 7.73 -33.61
CA ALA D 120 30.31 8.16 -34.99
C ALA D 120 31.64 8.90 -35.08
N GLU D 121 31.92 9.80 -34.10
CA GLU D 121 33.17 10.56 -34.02
C GLU D 121 34.36 9.64 -33.78
N GLU D 122 34.19 8.58 -32.97
CA GLU D 122 35.22 7.57 -32.72
C GLU D 122 35.46 6.78 -34.02
N ALA D 123 34.37 6.41 -34.72
CA ALA D 123 34.40 5.68 -35.99
C ALA D 123 35.13 6.47 -37.09
N ALA D 124 34.93 7.80 -37.15
CA ALA D 124 35.58 8.71 -38.13
C ALA D 124 37.10 8.71 -37.97
N SER D 125 37.62 8.56 -36.74
CA SER D 125 39.05 8.53 -36.42
C SER D 125 39.72 7.19 -36.79
N MET D 126 38.94 6.18 -37.18
CA MET D 126 39.39 4.83 -37.56
C MET D 126 39.35 4.63 -39.05
N SER D 127 40.08 3.61 -39.54
CA SER D 127 40.07 3.22 -40.95
C SER D 127 38.74 2.50 -41.21
N VAL D 128 38.34 2.37 -42.48
CA VAL D 128 37.11 1.68 -42.88
C VAL D 128 37.11 0.24 -42.37
N GLU D 129 38.24 -0.49 -42.49
CA GLU D 129 38.38 -1.86 -42.01
C GLU D 129 38.26 -1.99 -40.49
N GLU D 130 38.90 -1.05 -39.74
CA GLU D 130 38.84 -1.03 -38.28
C GLU D 130 37.43 -0.72 -37.75
N ARG D 131 36.71 0.25 -38.37
CA ARG D 131 35.35 0.59 -37.91
C ARG D 131 34.34 -0.50 -38.26
N LYS D 132 34.56 -1.21 -39.38
CA LYS D 132 33.70 -2.35 -39.78
C LYS D 132 33.81 -3.44 -38.72
N ALA D 133 35.06 -3.78 -38.32
CA ALA D 133 35.35 -4.80 -37.31
C ALA D 133 34.78 -4.42 -35.93
N LYS D 134 34.94 -3.15 -35.52
CA LYS D 134 34.48 -2.64 -34.23
C LYS D 134 32.98 -2.39 -34.10
N PHE D 135 32.34 -1.77 -35.12
CA PHE D 135 30.94 -1.34 -35.04
C PHE D 135 29.92 -2.24 -35.72
N THR D 136 30.32 -3.21 -36.59
CA THR D 136 29.31 -4.10 -37.18
C THR D 136 28.95 -5.17 -36.14
N PHE D 137 27.72 -5.07 -35.57
CA PHE D 137 27.20 -5.98 -34.53
C PHE D 137 26.67 -7.28 -35.12
N LEU E 8 -3.95 32.44 3.65
CA LEU E 8 -3.77 33.47 4.68
C LEU E 8 -3.63 32.89 6.11
N LEU E 9 -4.13 31.66 6.32
CA LEU E 9 -4.08 30.87 7.57
C LEU E 9 -2.88 29.92 7.47
N LYS E 10 -2.16 29.69 8.59
CA LYS E 10 -0.97 28.84 8.63
C LYS E 10 -1.26 27.39 8.26
N TYR E 11 -2.46 26.87 8.64
CA TYR E 11 -2.86 25.49 8.40
C TYR E 11 -4.25 25.38 7.77
N ASN E 12 -4.50 24.26 7.08
CA ASN E 12 -5.79 23.92 6.48
C ASN E 12 -6.11 22.46 6.81
N VAL E 13 -7.37 22.03 6.58
CA VAL E 13 -7.82 20.64 6.82
C VAL E 13 -6.90 19.68 6.07
N GLY E 14 -6.37 18.70 6.80
CA GLY E 14 -5.49 17.68 6.25
C GLY E 14 -4.04 17.91 6.58
N ASP E 15 -3.69 19.11 7.04
CA ASP E 15 -2.29 19.40 7.37
C ASP E 15 -1.85 18.62 8.62
N LEU E 16 -0.67 18.00 8.55
CA LEU E 16 -0.06 17.26 9.64
C LEU E 16 0.70 18.17 10.56
N VAL E 17 0.40 18.10 11.87
CA VAL E 17 1.01 18.93 12.90
C VAL E 17 1.33 18.14 14.16
N TRP E 18 2.25 18.67 14.98
CA TRP E 18 2.55 18.17 16.32
C TRP E 18 1.70 19.06 17.21
N SER E 19 0.96 18.44 18.12
CA SER E 19 0.11 19.14 19.08
C SER E 19 0.64 18.91 20.49
N LYS E 20 0.65 20.00 21.32
CA LYS E 20 1.11 20.00 22.72
C LYS E 20 0.02 20.30 23.71
N VAL E 21 -0.23 19.29 24.58
CA VAL E 21 -1.21 19.29 25.66
C VAL E 21 -0.42 19.06 26.95
N SER E 22 -0.70 19.88 27.99
CA SER E 22 -0.08 19.78 29.32
C SER E 22 -0.21 18.35 29.86
N GLY E 23 0.91 17.80 30.32
CA GLY E 23 0.99 16.44 30.85
C GLY E 23 1.19 15.35 29.80
N TYR E 24 1.28 15.73 28.52
CA TYR E 24 1.46 14.77 27.42
C TYR E 24 2.66 15.16 26.57
N PRO E 25 3.36 14.21 25.92
CA PRO E 25 4.45 14.62 25.02
C PRO E 25 3.87 15.22 23.73
N TRP E 26 4.70 15.91 22.90
CA TRP E 26 4.26 16.45 21.62
C TRP E 26 3.72 15.26 20.85
N TRP E 27 2.50 15.42 20.30
CA TRP E 27 1.77 14.34 19.67
C TRP E 27 1.44 14.58 18.21
N PRO E 28 1.58 13.53 17.35
CA PRO E 28 1.23 13.70 15.93
C PRO E 28 -0.29 13.80 15.70
N CYS E 29 -0.72 14.81 14.95
CA CYS E 29 -2.13 15.10 14.67
C CYS E 29 -2.32 15.49 13.23
N MET E 30 -3.58 15.71 12.88
CA MET E 30 -4.03 16.23 11.60
C MET E 30 -5.10 17.31 11.88
N VAL E 31 -5.00 18.43 11.16
CA VAL E 31 -6.00 19.50 11.25
C VAL E 31 -7.24 18.93 10.55
N SER E 32 -8.38 19.01 11.23
CA SER E 32 -9.63 18.44 10.72
C SER E 32 -10.80 19.29 11.14
N ALA E 33 -11.93 19.18 10.42
CA ALA E 33 -13.13 19.91 10.76
C ALA E 33 -13.76 19.23 11.99
N ASP E 34 -14.26 20.05 12.94
CA ASP E 34 -14.97 19.57 14.12
C ASP E 34 -16.22 18.82 13.60
N PRO E 35 -16.42 17.53 13.96
CA PRO E 35 -17.59 16.78 13.43
C PRO E 35 -18.97 17.35 13.75
N LEU E 36 -19.07 18.15 14.84
CA LEU E 36 -20.31 18.76 15.28
C LEU E 36 -20.45 20.24 14.87
N LEU E 37 -19.35 21.02 14.97
CA LEU E 37 -19.36 22.45 14.63
C LEU E 37 -19.12 22.75 13.14
N HIS E 38 -18.51 21.79 12.41
CA HIS E 38 -18.19 21.86 10.98
C HIS E 38 -17.20 22.98 10.62
N SER E 39 -16.31 23.31 11.55
CA SER E 39 -15.26 24.30 11.38
C SER E 39 -13.92 23.69 11.82
N TYR E 40 -12.80 24.20 11.27
CA TYR E 40 -11.46 23.69 11.61
C TYR E 40 -10.59 24.72 12.30
N THR E 41 -11.04 25.98 12.29
CA THR E 41 -10.33 27.12 12.87
C THR E 41 -11.32 28.09 13.45
N LYS E 42 -10.90 28.79 14.50
CA LYS E 42 -11.69 29.82 15.18
C LYS E 42 -10.81 30.71 16.01
N LEU E 43 -11.36 31.86 16.42
CA LEU E 43 -10.70 32.80 17.32
C LEU E 43 -11.32 32.61 18.69
N LYS E 44 -10.52 32.17 19.69
CA LYS E 44 -11.06 31.98 21.04
C LYS E 44 -11.40 33.37 21.57
N GLY E 45 -12.68 33.58 21.88
CA GLY E 45 -13.19 34.86 22.37
C GLY E 45 -13.14 35.97 21.33
N GLN E 46 -13.27 35.62 20.03
CA GLN E 46 -13.24 36.59 18.92
N SER E 49 -9.07 37.24 18.95
CA SER E 49 -7.68 37.64 19.07
C SER E 49 -6.66 36.52 18.78
N ALA E 50 -6.77 35.36 19.49
CA ALA E 50 -5.88 34.20 19.39
C ALA E 50 -6.52 33.03 18.64
N ARG E 51 -5.80 32.52 17.64
CA ARG E 51 -6.30 31.49 16.76
C ARG E 51 -6.10 30.08 17.27
N GLN E 52 -7.15 29.25 17.10
CA GLN E 52 -7.17 27.83 17.41
C GLN E 52 -7.48 27.03 16.17
N TYR E 53 -7.04 25.78 16.16
CA TYR E 53 -7.32 24.81 15.13
C TYR E 53 -7.85 23.54 15.77
N HIS E 54 -8.78 22.87 15.07
CA HIS E 54 -9.31 21.60 15.51
C HIS E 54 -8.37 20.48 15.02
N VAL E 55 -7.95 19.59 15.91
CA VAL E 55 -7.06 18.52 15.55
C VAL E 55 -7.55 17.16 15.96
N GLN E 56 -7.09 16.17 15.19
CA GLN E 56 -7.34 14.78 15.46
C GLN E 56 -6.02 14.18 15.86
N PHE E 57 -5.91 13.61 17.07
CA PHE E 57 -4.69 12.94 17.56
C PHE E 57 -4.62 11.55 16.92
N PHE E 58 -3.48 11.25 16.28
CA PHE E 58 -3.26 9.94 15.69
C PHE E 58 -3.01 8.90 16.80
N GLY E 59 -3.25 7.63 16.45
CA GLY E 59 -3.04 6.50 17.34
C GLY E 59 -4.16 5.51 17.26
N ASP E 60 -4.05 4.40 18.01
CA ASP E 60 -5.06 3.31 18.06
C ASP E 60 -6.31 3.74 18.80
N ALA E 61 -6.20 4.74 19.70
CA ALA E 61 -7.35 5.27 20.47
C ALA E 61 -7.43 6.77 20.14
N PRO E 62 -7.87 7.14 18.90
CA PRO E 62 -7.88 8.58 18.53
C PRO E 62 -8.77 9.48 19.39
N GLU E 63 -8.34 10.73 19.52
CA GLU E 63 -9.02 11.79 20.26
C GLU E 63 -8.98 13.03 19.41
N ARG E 64 -9.68 14.09 19.83
CA ARG E 64 -9.72 15.37 19.09
C ARG E 64 -9.78 16.55 20.07
N ALA E 65 -9.32 17.76 19.66
CA ALA E 65 -9.31 18.98 20.46
C ALA E 65 -9.09 20.22 19.62
N TRP E 66 -9.45 21.37 20.20
CA TRP E 66 -9.22 22.71 19.70
C TRP E 66 -7.94 23.14 20.39
N ILE E 67 -6.89 23.39 19.59
CA ILE E 67 -5.56 23.75 20.11
C ILE E 67 -5.15 25.12 19.57
N PHE E 68 -4.57 25.97 20.43
CA PHE E 68 -4.02 27.25 20.03
C PHE E 68 -2.88 27.03 19.05
N GLU E 69 -2.82 27.89 18.02
CA GLU E 69 -1.79 27.86 16.97
C GLU E 69 -0.35 27.80 17.57
N LYS E 70 -0.11 28.47 18.71
CA LYS E 70 1.19 28.50 19.42
C LYS E 70 1.61 27.13 19.98
N SER E 71 0.64 26.21 20.16
CA SER E 71 0.86 24.84 20.63
C SER E 71 0.91 23.83 19.47
N LEU E 72 1.07 24.35 18.22
CA LEU E 72 1.14 23.54 17.00
C LEU E 72 2.46 23.80 16.30
N VAL E 73 3.04 22.76 15.69
CA VAL E 73 4.28 22.81 14.90
C VAL E 73 4.02 21.88 13.69
N ALA E 74 4.30 22.33 12.48
CA ALA E 74 4.14 21.54 11.26
C ALA E 74 4.92 20.21 11.38
N PHE E 75 4.28 19.11 11.01
CA PHE E 75 4.86 17.79 11.11
C PHE E 75 5.65 17.44 9.86
N GLU E 76 6.94 17.15 10.07
CA GLU E 76 7.86 16.72 9.02
C GLU E 76 8.17 15.23 9.23
N GLY E 77 8.44 14.86 10.49
CA GLY E 77 8.74 13.49 10.88
C GLY E 77 9.15 13.35 12.33
N GLU E 78 9.36 12.09 12.75
CA GLU E 78 9.76 11.70 14.11
C GLU E 78 11.05 12.37 14.63
N GLY E 79 11.97 12.73 13.73
CA GLY E 79 13.23 13.37 14.09
C GLY E 79 13.12 14.72 14.77
N GLN E 80 11.93 15.35 14.69
CA GLN E 80 11.65 16.67 15.27
C GLN E 80 11.40 16.59 16.78
N PHE E 81 10.85 15.46 17.28
CA PHE E 81 10.48 15.23 18.70
C PHE E 81 11.53 15.63 19.72
N GLU E 82 12.81 15.23 19.51
CA GLU E 82 13.91 15.56 20.44
C GLU E 82 14.03 17.05 20.70
N LYS E 83 14.07 17.87 19.63
CA LYS E 83 14.16 19.33 19.69
C LYS E 83 12.91 19.95 20.35
N LEU E 84 11.72 19.38 20.09
CA LEU E 84 10.44 19.84 20.65
C LEU E 84 10.42 19.65 22.18
N CYS E 85 10.93 18.49 22.67
CA CYS E 85 11.05 18.16 24.10
C CYS E 85 11.99 19.12 24.81
N GLN E 86 13.18 19.34 24.22
CA GLN E 86 14.20 20.23 24.77
C GLN E 86 13.66 21.66 24.94
N GLU E 87 12.99 22.18 23.88
CA GLU E 87 12.38 23.52 23.87
C GLU E 87 11.27 23.66 24.90
N SER E 88 10.42 22.64 25.03
CA SER E 88 9.34 22.63 26.02
C SER E 88 9.89 22.61 27.46
N ALA E 89 11.01 21.90 27.68
CA ALA E 89 11.69 21.81 28.99
C ALA E 89 12.29 23.16 29.39
N LYS E 90 12.94 23.87 28.43
CA LYS E 90 13.55 25.18 28.69
C LYS E 90 12.49 26.26 28.96
N GLN E 91 11.28 26.10 28.38
CA GLN E 91 10.14 27.00 28.53
C GLN E 91 9.31 26.77 29.81
N ALA E 92 9.49 25.60 30.47
CA ALA E 92 8.79 25.23 31.71
C ALA E 92 9.33 26.00 32.92
N LYS E 95 9.61 22.87 37.89
CA LYS E 95 10.68 21.90 38.06
C LYS E 95 10.21 20.47 37.76
N ALA E 96 8.99 20.14 38.24
CA ALA E 96 8.35 18.83 38.06
C ALA E 96 7.93 18.67 36.60
N GLU E 97 7.48 19.78 35.96
CA GLU E 97 7.08 19.82 34.56
C GLU E 97 8.28 19.55 33.66
N LYS E 98 9.44 20.19 33.97
CA LYS E 98 10.72 20.03 33.24
C LYS E 98 11.19 18.57 33.27
N ILE E 99 11.18 17.94 34.47
CA ILE E 99 11.60 16.55 34.70
C ILE E 99 10.73 15.54 33.94
N LYS E 100 9.40 15.76 33.90
CA LYS E 100 8.46 14.88 33.22
C LYS E 100 8.61 14.96 31.68
N LEU E 101 8.92 16.16 31.16
CA LEU E 101 9.11 16.42 29.73
C LEU E 101 10.34 15.69 29.17
N LEU E 102 11.40 15.55 29.97
CA LEU E 102 12.65 14.88 29.57
C LEU E 102 12.62 13.36 29.87
N LYS E 103 11.66 12.91 30.72
CA LYS E 103 11.48 11.52 31.12
C LYS E 103 10.89 10.76 29.93
N PRO E 104 11.58 9.69 29.45
CA PRO E 104 11.08 8.94 28.28
C PRO E 104 9.70 8.35 28.51
N ILE E 105 8.82 8.42 27.51
CA ILE E 105 7.46 7.86 27.59
C ILE E 105 7.54 6.35 27.86
N SER E 106 6.63 5.83 28.71
CA SER E 106 6.58 4.40 29.05
C SER E 106 5.20 3.81 28.75
N GLY E 107 5.11 2.49 28.85
CA GLY E 107 3.91 1.67 28.72
C GLY E 107 2.93 1.90 27.60
N LYS E 108 1.65 2.01 28.01
CA LYS E 108 0.48 2.21 27.14
C LYS E 108 0.61 3.48 26.30
N LEU E 109 0.92 4.63 26.95
CA LEU E 109 1.08 5.92 26.30
C LEU E 109 2.16 5.92 25.25
N ARG E 110 3.32 5.29 25.54
CA ARG E 110 4.46 5.15 24.62
C ARG E 110 4.03 4.36 23.37
N ALA E 111 3.36 3.21 23.57
CA ALA E 111 2.84 2.35 22.49
C ALA E 111 1.88 3.10 21.59
N GLN E 112 0.97 3.88 22.19
CA GLN E 112 -0.02 4.72 21.49
C GLN E 112 0.59 5.87 20.72
N TRP E 113 1.63 6.50 21.30
CA TRP E 113 2.39 7.59 20.65
C TRP E 113 3.09 7.04 19.42
N GLU E 114 3.69 5.85 19.53
CA GLU E 114 4.38 5.16 18.44
C GLU E 114 3.42 4.81 17.32
N MET E 115 2.18 4.38 17.67
CA MET E 115 1.12 4.09 16.72
C MET E 115 0.73 5.39 15.96
N GLY E 116 0.65 6.51 16.68
CA GLY E 116 0.37 7.82 16.10
C GLY E 116 1.43 8.25 15.08
N ILE E 117 2.72 7.99 15.37
CA ILE E 117 3.86 8.30 14.50
C ILE E 117 3.75 7.48 13.20
N VAL E 118 3.45 6.20 13.35
CA VAL E 118 3.28 5.25 12.25
C VAL E 118 2.13 5.73 11.32
N GLN E 119 1.03 6.18 11.91
CA GLN E 119 -0.11 6.72 11.18
C GLN E 119 0.19 8.04 10.52
N ALA E 120 0.93 8.95 11.22
CA ALA E 120 1.32 10.26 10.70
C ALA E 120 2.26 10.16 9.50
N GLU E 121 3.25 9.23 9.57
CA GLU E 121 4.23 8.96 8.50
C GLU E 121 3.51 8.38 7.28
N GLU E 122 2.53 7.52 7.52
CA GLU E 122 1.67 6.98 6.47
C GLU E 122 0.88 8.13 5.82
N ALA E 123 0.18 8.96 6.64
CA ALA E 123 -0.59 10.13 6.21
C ALA E 123 0.23 11.10 5.34
N ALA E 124 1.52 11.32 5.68
CA ALA E 124 2.45 12.19 4.95
C ALA E 124 2.67 11.72 3.52
N SER E 125 2.65 10.39 3.29
CA SER E 125 2.84 9.77 1.98
C SER E 125 1.58 9.83 1.08
N MET E 126 0.45 10.27 1.65
CA MET E 126 -0.84 10.41 0.96
C MET E 126 -1.11 11.86 0.60
N SER E 127 -2.02 12.06 -0.36
CA SER E 127 -2.47 13.40 -0.74
C SER E 127 -3.40 13.90 0.36
N VAL E 128 -3.64 15.22 0.39
CA VAL E 128 -4.54 15.84 1.38
C VAL E 128 -5.95 15.22 1.30
N GLU E 129 -6.47 15.00 0.05
CA GLU E 129 -7.77 14.39 -0.19
C GLU E 129 -7.86 12.94 0.29
N GLU E 130 -6.80 12.13 0.05
CA GLU E 130 -6.73 10.73 0.50
C GLU E 130 -6.63 10.62 2.02
N ARG E 131 -5.83 11.49 2.71
CA ARG E 131 -5.72 11.39 4.18
C ARG E 131 -6.99 11.91 4.88
N LYS E 132 -7.70 12.86 4.25
CA LYS E 132 -8.97 13.36 4.78
C LYS E 132 -10.01 12.21 4.76
N ALA E 133 -10.10 11.50 3.63
CA ALA E 133 -10.99 10.35 3.44
C ALA E 133 -10.66 9.18 4.39
N LYS E 134 -9.37 8.89 4.60
CA LYS E 134 -8.89 7.80 5.45
C LYS E 134 -9.00 8.10 6.95
N PHE E 135 -8.67 9.33 7.40
CA PHE E 135 -8.64 9.57 8.84
C PHE E 135 -9.81 10.44 9.40
N THR E 136 -10.63 11.09 8.56
CA THR E 136 -11.75 11.95 9.04
C THR E 136 -13.19 11.53 8.57
N PHE E 137 -14.24 12.28 9.05
CA PHE E 137 -15.66 12.05 8.77
C PHE E 137 -16.26 13.14 7.90
N LEU F 8 -43.43 24.86 37.52
CA LEU F 8 -43.14 24.13 38.76
C LEU F 8 -41.75 23.43 38.71
N LEU F 9 -41.42 22.74 37.58
CA LEU F 9 -40.09 22.12 37.44
C LEU F 9 -39.17 23.17 36.89
N LYS F 10 -38.01 23.37 37.56
CA LYS F 10 -37.01 24.38 37.19
C LYS F 10 -36.41 24.17 35.80
N TYR F 11 -36.23 22.88 35.39
CA TYR F 11 -35.64 22.52 34.11
C TYR F 11 -36.48 21.53 33.31
N ASN F 12 -36.30 21.51 31.99
CA ASN F 12 -36.94 20.58 31.04
C ASN F 12 -35.88 20.05 30.07
N VAL F 13 -36.21 18.97 29.31
CA VAL F 13 -35.32 18.38 28.29
C VAL F 13 -34.84 19.49 27.30
N GLY F 14 -33.53 19.61 27.10
CA GLY F 14 -32.95 20.60 26.21
C GLY F 14 -32.35 21.80 26.95
N ASP F 15 -32.69 21.96 28.24
CA ASP F 15 -32.16 23.09 28.99
C ASP F 15 -30.68 22.91 29.30
N LEU F 16 -29.91 23.97 29.11
CA LEU F 16 -28.48 24.01 29.36
C LEU F 16 -28.20 24.35 30.83
N VAL F 17 -27.38 23.54 31.48
CA VAL F 17 -27.03 23.72 32.89
C VAL F 17 -25.56 23.44 33.15
N TRP F 18 -25.04 23.96 34.26
CA TRP F 18 -23.72 23.64 34.79
C TRP F 18 -23.99 22.56 35.83
N SER F 19 -23.21 21.48 35.85
CA SER F 19 -23.36 20.40 36.83
C SER F 19 -22.09 20.28 37.66
N LYS F 20 -22.27 20.03 38.96
CA LYS F 20 -21.14 19.84 39.85
C LYS F 20 -21.09 18.38 40.33
N VAL F 21 -19.99 17.71 40.03
CA VAL F 21 -19.68 16.35 40.45
C VAL F 21 -18.40 16.49 41.28
N SER F 22 -18.36 15.84 42.43
CA SER F 22 -17.22 15.82 43.33
C SER F 22 -15.94 15.36 42.55
N GLY F 23 -14.89 16.16 42.67
CA GLY F 23 -13.60 15.92 42.03
C GLY F 23 -13.49 16.46 40.61
N TYR F 24 -14.55 17.15 40.13
CA TYR F 24 -14.58 17.71 38.78
C TYR F 24 -14.99 19.16 38.84
N PRO F 25 -14.53 20.05 37.92
CA PRO F 25 -15.02 21.44 37.96
C PRO F 25 -16.46 21.50 37.47
N TRP F 26 -17.17 22.64 37.71
CA TRP F 26 -18.52 22.88 37.18
C TRP F 26 -18.44 22.63 35.69
N TRP F 27 -19.32 21.79 35.18
CA TRP F 27 -19.28 21.32 33.79
C TRP F 27 -20.53 21.66 32.97
N PRO F 28 -20.36 22.08 31.69
CA PRO F 28 -21.53 22.34 30.83
C PRO F 28 -22.27 21.06 30.42
N CYS F 29 -23.61 21.08 30.63
CA CYS F 29 -24.54 19.97 30.39
C CYS F 29 -25.81 20.40 29.73
N MET F 30 -26.55 19.41 29.27
CA MET F 30 -27.91 19.56 28.76
C MET F 30 -28.80 18.53 29.47
N VAL F 31 -29.98 18.99 29.94
CA VAL F 31 -30.96 18.11 30.55
C VAL F 31 -31.51 17.23 29.41
N SER F 32 -31.67 15.93 29.67
CA SER F 32 -32.16 14.95 28.69
C SER F 32 -32.90 13.79 29.37
N ALA F 33 -33.63 12.99 28.57
CA ALA F 33 -34.32 11.79 29.08
C ALA F 33 -33.31 10.63 29.17
N ASP F 34 -33.38 9.85 30.26
CA ASP F 34 -32.55 8.68 30.47
C ASP F 34 -32.92 7.69 29.35
N PRO F 35 -31.93 7.23 28.53
CA PRO F 35 -32.25 6.32 27.40
C PRO F 35 -32.93 5.00 27.78
N LEU F 36 -32.74 4.54 29.02
CA LEU F 36 -33.29 3.29 29.54
C LEU F 36 -34.53 3.47 30.41
N LEU F 37 -34.56 4.51 31.27
CA LEU F 37 -35.70 4.78 32.17
C LEU F 37 -36.80 5.65 31.53
N HIS F 38 -36.45 6.41 30.45
CA HIS F 38 -37.35 7.28 29.69
C HIS F 38 -37.94 8.44 30.52
N SER F 39 -37.17 8.91 31.51
CA SER F 39 -37.54 10.04 32.37
C SER F 39 -36.35 11.00 32.45
N TYR F 40 -36.63 12.29 32.73
CA TYR F 40 -35.58 13.31 32.81
C TYR F 40 -35.45 13.90 34.20
N THR F 41 -36.44 13.62 35.05
CA THR F 41 -36.50 14.07 36.44
C THR F 41 -37.11 12.98 37.27
N LYS F 42 -36.74 12.91 38.56
CA LYS F 42 -37.25 11.94 39.56
C LYS F 42 -36.96 12.46 40.95
N LEU F 43 -37.69 11.95 41.94
CA LEU F 43 -37.53 12.33 43.35
C LEU F 43 -37.04 11.10 44.12
N LYS F 44 -35.86 11.22 44.77
CA LYS F 44 -35.23 10.12 45.51
C LYS F 44 -35.69 10.10 46.97
N ALA F 50 -34.23 17.35 47.15
CA ALA F 50 -33.82 16.01 46.70
C ALA F 50 -34.15 15.68 45.23
N ARG F 51 -34.90 16.58 44.53
CA ARG F 51 -35.23 16.36 43.11
C ARG F 51 -33.95 16.14 42.30
N GLN F 52 -34.02 15.23 41.31
CA GLN F 52 -32.92 14.90 40.42
C GLN F 52 -33.29 15.07 38.98
N TYR F 53 -32.27 15.45 38.16
CA TYR F 53 -32.39 15.60 36.72
C TYR F 53 -31.31 14.76 36.04
N HIS F 54 -31.63 14.15 34.87
CA HIS F 54 -30.69 13.40 34.06
C HIS F 54 -30.03 14.42 33.13
N VAL F 55 -28.69 14.43 33.09
CA VAL F 55 -27.93 15.36 32.25
C VAL F 55 -26.95 14.62 31.32
N GLN F 56 -26.59 15.27 30.23
CA GLN F 56 -25.59 14.81 29.26
C GLN F 56 -24.45 15.81 29.41
N PHE F 57 -23.23 15.33 29.70
CA PHE F 57 -22.06 16.21 29.83
C PHE F 57 -21.53 16.46 28.43
N PHE F 58 -21.36 17.74 28.08
CA PHE F 58 -20.82 18.12 26.78
C PHE F 58 -19.32 17.82 26.74
N GLY F 59 -18.81 17.64 25.55
CA GLY F 59 -17.40 17.37 25.31
C GLY F 59 -17.22 16.34 24.23
N ASP F 60 -15.94 16.08 23.88
CA ASP F 60 -15.54 15.10 22.87
C ASP F 60 -15.74 13.65 23.38
N ALA F 61 -15.76 13.43 24.70
CA ALA F 61 -16.00 12.11 25.32
C ALA F 61 -17.25 12.23 26.20
N PRO F 62 -18.46 12.29 25.59
CA PRO F 62 -19.65 12.58 26.41
C PRO F 62 -20.04 11.48 27.40
N GLU F 63 -20.64 11.91 28.53
CA GLU F 63 -21.09 11.07 29.61
C GLU F 63 -22.49 11.51 30.00
N ARG F 64 -23.16 10.76 30.88
CA ARG F 64 -24.49 11.09 31.37
C ARG F 64 -24.60 10.69 32.86
N ALA F 65 -25.52 11.34 33.62
CA ALA F 65 -25.74 11.12 35.05
C ALA F 65 -27.01 11.72 35.53
N TRP F 66 -27.51 11.23 36.69
CA TRP F 66 -28.64 11.80 37.46
C TRP F 66 -27.98 12.74 38.48
N ILE F 67 -28.35 14.02 38.46
CA ILE F 67 -27.73 14.98 39.38
C ILE F 67 -28.80 15.72 40.15
N PHE F 68 -28.53 15.96 41.43
CA PHE F 68 -29.44 16.70 42.30
C PHE F 68 -29.56 18.14 41.81
N GLU F 69 -30.79 18.70 41.85
CA GLU F 69 -31.12 20.08 41.46
C GLU F 69 -30.16 21.12 42.13
N LYS F 70 -29.75 20.87 43.40
CA LYS F 70 -28.84 21.71 44.19
C LYS F 70 -27.41 21.77 43.61
N SER F 71 -27.04 20.78 42.75
CA SER F 71 -25.75 20.71 42.07
C SER F 71 -25.85 21.19 40.61
N LEU F 72 -26.97 21.88 40.26
CA LEU F 72 -27.24 22.43 38.94
C LEU F 72 -27.41 23.93 39.01
N VAL F 73 -26.94 24.65 37.98
CA VAL F 73 -27.07 26.11 37.81
C VAL F 73 -27.36 26.32 36.33
N ALA F 74 -28.37 27.14 35.99
CA ALA F 74 -28.74 27.46 34.60
C ALA F 74 -27.53 28.00 33.84
N PHE F 75 -27.26 27.46 32.64
CA PHE F 75 -26.13 27.88 31.82
C PHE F 75 -26.48 29.10 30.96
N GLU F 76 -25.71 30.17 31.13
CA GLU F 76 -25.81 31.39 30.37
C GLU F 76 -24.58 31.49 29.44
N GLY F 77 -23.40 31.18 29.99
CA GLY F 77 -22.14 31.20 29.26
C GLY F 77 -20.92 30.99 30.15
N GLU F 78 -19.73 30.93 29.52
CA GLU F 78 -18.44 30.71 30.18
C GLU F 78 -18.09 31.75 31.27
N GLY F 79 -18.61 32.97 31.15
CA GLY F 79 -18.36 34.03 32.13
C GLY F 79 -18.86 33.77 33.54
N GLN F 80 -19.73 32.73 33.70
CA GLN F 80 -20.31 32.36 34.99
C GLN F 80 -19.33 31.52 35.81
N PHE F 81 -18.44 30.79 35.13
CA PHE F 81 -17.48 29.85 35.70
C PHE F 81 -16.67 30.41 36.88
N GLU F 82 -16.08 31.61 36.73
CA GLU F 82 -15.31 32.28 37.79
C GLU F 82 -16.10 32.42 39.12
N LYS F 83 -17.36 32.92 39.05
CA LYS F 83 -18.23 33.05 40.22
C LYS F 83 -18.61 31.68 40.81
N LEU F 84 -18.84 30.66 39.96
CA LEU F 84 -19.18 29.29 40.38
C LEU F 84 -18.05 28.68 41.20
N CYS F 85 -16.78 28.87 40.78
CA CYS F 85 -15.58 28.41 41.49
C CYS F 85 -15.45 29.09 42.83
N GLN F 86 -15.61 30.44 42.86
CA GLN F 86 -15.53 31.25 44.08
C GLN F 86 -16.58 30.78 45.10
N GLU F 87 -17.85 30.60 44.66
CA GLU F 87 -18.96 30.16 45.50
C GLU F 87 -18.78 28.73 46.00
N SER F 106 -5.69 18.34 35.21
CA SER F 106 -5.25 17.57 34.03
C SER F 106 -5.39 18.34 32.71
N GLY F 107 -4.37 18.19 31.86
CA GLY F 107 -4.31 18.73 30.50
C GLY F 107 -5.47 18.22 29.66
N LYS F 108 -5.75 16.89 29.73
CA LYS F 108 -6.86 16.23 29.04
C LYS F 108 -8.21 16.77 29.51
N LEU F 109 -8.42 16.81 30.83
CA LEU F 109 -9.67 17.29 31.44
C LEU F 109 -9.99 18.73 31.07
N ARG F 110 -8.98 19.61 31.10
CA ARG F 110 -9.10 21.02 30.72
C ARG F 110 -9.50 21.13 29.22
N ALA F 111 -8.83 20.38 28.32
CA ALA F 111 -9.15 20.36 26.89
C ALA F 111 -10.61 19.92 26.66
N GLN F 112 -11.05 18.86 27.35
CA GLN F 112 -12.41 18.32 27.26
C GLN F 112 -13.46 19.29 27.80
N TRP F 113 -13.13 20.02 28.90
CA TRP F 113 -14.00 21.04 29.49
C TRP F 113 -14.19 22.16 28.49
N GLU F 114 -13.10 22.59 27.81
CA GLU F 114 -13.10 23.63 26.79
C GLU F 114 -13.95 23.19 25.58
N MET F 115 -13.86 21.91 25.16
CA MET F 115 -14.70 21.34 24.12
C MET F 115 -16.19 21.37 24.54
N GLY F 116 -16.45 21.07 25.81
CA GLY F 116 -17.78 21.14 26.41
C GLY F 116 -18.39 22.52 26.32
N ILE F 117 -17.59 23.57 26.63
CA ILE F 117 -17.95 25.00 26.57
C ILE F 117 -18.30 25.42 25.12
N VAL F 118 -17.46 25.01 24.19
CA VAL F 118 -17.60 25.25 22.76
C VAL F 118 -18.94 24.64 22.27
N GLN F 119 -19.24 23.43 22.68
CA GLN F 119 -20.49 22.74 22.35
C GLN F 119 -21.70 23.39 23.00
N ALA F 120 -21.58 23.78 24.31
CA ALA F 120 -22.64 24.45 25.06
C ALA F 120 -22.99 25.83 24.50
N GLU F 121 -21.99 26.67 24.16
CA GLU F 121 -22.22 28.00 23.59
C GLU F 121 -22.87 27.90 22.20
N GLU F 122 -22.51 26.86 21.39
CA GLU F 122 -23.11 26.61 20.08
C GLU F 122 -24.58 26.19 20.31
N ALA F 123 -24.81 25.35 21.35
CA ALA F 123 -26.11 24.84 21.79
C ALA F 123 -27.06 25.96 22.21
N ALA F 124 -26.52 26.97 22.95
CA ALA F 124 -27.24 28.14 23.44
C ALA F 124 -27.77 29.02 22.31
N SER F 125 -27.05 29.09 21.18
CA SER F 125 -27.44 29.88 20.01
C SER F 125 -28.54 29.21 19.15
N MET F 126 -28.91 27.96 19.51
CA MET F 126 -29.93 27.17 18.83
C MET F 126 -31.20 27.11 19.64
N SER F 127 -32.30 26.74 18.96
CA SER F 127 -33.59 26.52 19.61
C SER F 127 -33.51 25.19 20.39
N VAL F 128 -34.43 24.97 21.34
CA VAL F 128 -34.48 23.73 22.13
C VAL F 128 -34.59 22.51 21.20
N GLU F 129 -35.46 22.57 20.16
CA GLU F 129 -35.65 21.49 19.19
C GLU F 129 -34.41 21.21 18.35
N GLU F 130 -33.72 22.28 17.90
CA GLU F 130 -32.49 22.15 17.09
C GLU F 130 -31.32 21.55 17.91
N ARG F 131 -31.15 21.98 19.20
CA ARG F 131 -30.07 21.43 20.04
C ARG F 131 -30.34 20.00 20.45
N LYS F 132 -31.63 19.63 20.63
CA LYS F 132 -32.03 18.25 20.96
C LYS F 132 -31.65 17.32 19.79
N ALA F 133 -31.94 17.74 18.55
CA ALA F 133 -31.61 17.02 17.32
C ALA F 133 -30.08 16.88 17.12
N LYS F 134 -29.33 17.95 17.40
CA LYS F 134 -27.88 17.96 17.25
C LYS F 134 -27.12 17.21 18.38
N PHE F 135 -27.53 17.37 19.65
CA PHE F 135 -26.78 16.81 20.77
C PHE F 135 -27.36 15.62 21.52
N THR F 136 -28.67 15.31 21.40
CA THR F 136 -29.17 14.15 22.17
C THR F 136 -28.53 12.89 21.64
N PHE F 137 -28.15 12.00 22.58
CA PHE F 137 -27.54 10.70 22.30
C PHE F 137 -28.63 9.77 21.79
N LEU F 138 -28.33 8.98 20.73
CA LEU F 138 -29.30 8.02 20.17
C LEU F 138 -28.65 6.67 19.85
CA HIS G 7 -29.27 -27.90 37.03
C HIS G 7 -29.28 -27.42 38.49
N LEU G 8 -28.30 -27.93 39.30
CA LEU G 8 -28.14 -27.55 40.72
C LEU G 8 -27.35 -26.23 40.87
N LEU G 9 -27.41 -25.39 39.81
CA LEU G 9 -26.75 -24.10 39.72
C LEU G 9 -27.50 -23.03 40.50
N LYS G 10 -26.80 -22.25 41.33
CA LYS G 10 -27.36 -21.19 42.16
C LYS G 10 -27.99 -20.05 41.34
N TYR G 11 -27.40 -19.73 40.17
CA TYR G 11 -27.88 -18.66 39.28
C TYR G 11 -28.07 -19.12 37.83
N ASN G 12 -28.95 -18.41 37.08
CA ASN G 12 -29.18 -18.61 35.65
C ASN G 12 -29.17 -17.24 34.96
N VAL G 13 -29.07 -17.22 33.62
CA VAL G 13 -29.12 -16.01 32.79
C VAL G 13 -30.35 -15.17 33.17
N GLY G 14 -30.13 -13.88 33.44
CA GLY G 14 -31.18 -12.96 33.83
C GLY G 14 -31.27 -12.72 35.32
N ASP G 15 -30.63 -13.55 36.14
CA ASP G 15 -30.67 -13.37 37.60
C ASP G 15 -29.86 -12.13 38.01
N LEU G 16 -30.44 -11.32 38.89
CA LEU G 16 -29.82 -10.12 39.40
C LEU G 16 -28.95 -10.46 40.60
N VAL G 17 -27.70 -9.98 40.60
CA VAL G 17 -26.70 -10.26 41.65
C VAL G 17 -25.87 -9.02 41.98
N TRP G 18 -25.28 -9.01 43.16
CA TRP G 18 -24.29 -8.04 43.57
C TRP G 18 -22.94 -8.74 43.29
N SER G 19 -21.96 -8.02 42.70
CA SER G 19 -20.63 -8.59 42.46
C SER G 19 -19.58 -7.77 43.19
N LYS G 20 -18.56 -8.47 43.72
CA LYS G 20 -17.45 -7.81 44.39
C LYS G 20 -16.22 -7.98 43.56
N VAL G 21 -15.58 -6.84 43.25
CA VAL G 21 -14.31 -6.72 42.55
C VAL G 21 -13.42 -5.87 43.45
N SER G 22 -12.17 -6.30 43.65
CA SER G 22 -11.17 -5.61 44.45
C SER G 22 -11.02 -4.16 43.98
N GLY G 23 -11.09 -3.21 44.92
CA GLY G 23 -11.00 -1.79 44.63
C GLY G 23 -12.30 -1.13 44.23
N TYR G 24 -13.42 -1.88 44.24
CA TYR G 24 -14.75 -1.38 43.87
C TYR G 24 -15.77 -1.74 44.93
N PRO G 25 -16.87 -0.95 45.10
CA PRO G 25 -17.91 -1.36 46.06
C PRO G 25 -18.74 -2.49 45.43
N TRP G 26 -19.58 -3.20 46.22
CA TRP G 26 -20.49 -4.22 45.73
C TRP G 26 -21.33 -3.54 44.66
N TRP G 27 -21.42 -4.18 43.50
CA TRP G 27 -22.05 -3.60 42.33
C TRP G 27 -23.22 -4.39 41.78
N PRO G 28 -24.32 -3.69 41.38
CA PRO G 28 -25.47 -4.41 40.77
C PRO G 28 -25.14 -4.92 39.37
N CYS G 29 -25.44 -6.22 39.16
CA CYS G 29 -25.16 -7.01 37.95
C CYS G 29 -26.31 -7.90 37.59
N MET G 30 -26.22 -8.43 36.39
CA MET G 30 -27.11 -9.45 35.87
C MET G 30 -26.24 -10.57 35.32
N VAL G 31 -26.62 -11.83 35.61
CA VAL G 31 -25.95 -13.01 35.07
C VAL G 31 -26.35 -13.02 33.60
N SER G 32 -25.36 -13.07 32.73
CA SER G 32 -25.59 -13.04 31.31
C SER G 32 -24.62 -13.99 30.59
N ALA G 33 -24.98 -14.41 29.35
CA ALA G 33 -24.10 -15.27 28.57
C ALA G 33 -22.98 -14.36 28.00
N ASP G 34 -21.73 -14.87 27.99
CA ASP G 34 -20.58 -14.18 27.43
C ASP G 34 -20.92 -13.94 25.93
N PRO G 35 -20.90 -12.67 25.44
CA PRO G 35 -21.30 -12.41 24.03
C PRO G 35 -20.47 -13.10 22.96
N LEU G 36 -19.23 -13.49 23.28
CA LEU G 36 -18.31 -14.15 22.38
C LEU G 36 -18.22 -15.67 22.59
N LEU G 37 -18.20 -16.12 23.85
CA LEU G 37 -18.08 -17.55 24.20
C LEU G 37 -19.40 -18.27 24.27
N HIS G 38 -20.51 -17.54 24.42
CA HIS G 38 -21.89 -18.05 24.48
C HIS G 38 -22.14 -19.00 25.66
N SER G 39 -21.45 -18.75 26.79
CA SER G 39 -21.64 -19.48 28.05
C SER G 39 -21.82 -18.49 29.19
N TYR G 40 -22.55 -18.89 30.28
CA TYR G 40 -22.81 -18.01 31.41
C TYR G 40 -22.17 -18.51 32.70
N THR G 41 -21.69 -19.75 32.69
CA THR G 41 -21.06 -20.39 33.84
C THR G 41 -19.94 -21.29 33.36
N LYS G 42 -18.92 -21.47 34.21
CA LYS G 42 -17.78 -22.35 33.96
C LYS G 42 -17.04 -22.66 35.25
N LEU G 43 -16.12 -23.61 35.19
CA LEU G 43 -15.26 -23.98 36.32
C LEU G 43 -13.83 -23.47 36.07
N LYS G 44 -13.26 -22.78 37.07
CA LYS G 44 -11.89 -22.29 37.06
C LYS G 44 -11.13 -23.07 38.12
N GLY G 45 -10.25 -23.95 37.66
CA GLY G 45 -9.42 -24.82 38.50
C GLY G 45 -9.55 -26.26 38.04
N SER G 49 -13.17 -27.18 39.85
CA SER G 49 -13.08 -27.00 41.30
C SER G 49 -13.92 -25.82 41.88
N ALA G 50 -13.88 -24.67 41.22
CA ALA G 50 -14.67 -23.53 41.70
C ALA G 50 -15.49 -22.91 40.57
N ARG G 51 -16.75 -22.61 40.84
CA ARG G 51 -17.65 -22.08 39.84
C ARG G 51 -17.63 -20.58 39.69
N GLN G 52 -17.68 -20.13 38.40
CA GLN G 52 -17.74 -18.74 37.99
C GLN G 52 -18.96 -18.50 37.14
N TYR G 53 -19.45 -17.28 37.18
CA TYR G 53 -20.57 -16.82 36.36
C TYR G 53 -20.16 -15.57 35.59
N HIS G 54 -20.71 -15.42 34.38
CA HIS G 54 -20.47 -14.24 33.56
C HIS G 54 -21.55 -13.23 33.96
N VAL G 55 -21.11 -12.06 34.37
CA VAL G 55 -21.99 -10.99 34.82
C VAL G 55 -21.74 -9.74 34.01
N GLN G 56 -22.82 -8.97 33.82
CA GLN G 56 -22.83 -7.67 33.18
C GLN G 56 -23.05 -6.65 34.33
N PHE G 57 -22.17 -5.64 34.44
CA PHE G 57 -22.34 -4.63 35.47
C PHE G 57 -23.26 -3.54 34.95
N PHE G 58 -24.27 -3.21 35.72
CA PHE G 58 -25.23 -2.16 35.36
C PHE G 58 -24.58 -0.77 35.50
N GLY G 59 -25.13 0.19 34.78
CA GLY G 59 -24.65 1.57 34.80
C GLY G 59 -24.64 2.17 33.42
N ASP G 60 -24.27 3.47 33.32
CA ASP G 60 -24.17 4.23 32.07
C ASP G 60 -22.96 3.81 31.25
N ALA G 61 -21.92 3.22 31.88
CA ALA G 61 -20.72 2.72 31.20
C ALA G 61 -20.61 1.23 31.54
N PRO G 62 -21.48 0.38 30.94
CA PRO G 62 -21.46 -1.05 31.32
C PRO G 62 -20.18 -1.80 31.00
N GLU G 63 -19.85 -2.77 31.83
CA GLU G 63 -18.71 -3.67 31.72
C GLU G 63 -19.20 -5.10 32.02
N ARG G 64 -18.34 -6.07 31.80
CA ARG G 64 -18.65 -7.48 32.05
C ARG G 64 -17.43 -8.26 32.60
N ALA G 65 -17.66 -9.39 33.30
CA ALA G 65 -16.60 -10.21 33.88
C ALA G 65 -17.06 -11.59 34.29
N TRP G 66 -16.11 -12.52 34.44
CA TRP G 66 -16.33 -13.86 34.96
C TRP G 66 -16.01 -13.74 36.46
N ILE G 67 -16.99 -13.99 37.33
CA ILE G 67 -16.84 -13.81 38.77
C ILE G 67 -17.11 -15.13 39.49
N PHE G 68 -16.27 -15.45 40.50
CA PHE G 68 -16.46 -16.63 41.35
C PHE G 68 -17.76 -16.47 42.11
N GLU G 69 -18.52 -17.56 42.21
CA GLU G 69 -19.80 -17.65 42.91
C GLU G 69 -19.71 -17.05 44.33
N LYS G 70 -18.55 -17.22 45.03
CA LYS G 70 -18.31 -16.73 46.39
C LYS G 70 -18.29 -15.19 46.49
N SER G 71 -18.07 -14.51 45.35
CA SER G 71 -18.05 -13.04 45.22
C SER G 71 -19.38 -12.48 44.67
N LEU G 72 -20.42 -13.33 44.67
CA LEU G 72 -21.78 -12.99 44.22
C LEU G 72 -22.75 -13.14 45.37
N VAL G 73 -23.77 -12.27 45.42
CA VAL G 73 -24.88 -12.27 46.40
C VAL G 73 -26.12 -11.95 45.59
N ALA G 74 -27.20 -12.71 45.76
CA ALA G 74 -28.48 -12.48 45.08
C ALA G 74 -28.98 -11.04 45.35
N PHE G 75 -29.39 -10.32 44.30
CA PHE G 75 -29.87 -8.96 44.42
C PHE G 75 -31.35 -8.92 44.74
N GLU G 76 -31.67 -8.29 45.89
CA GLU G 76 -33.03 -8.07 46.36
C GLU G 76 -33.33 -6.57 46.22
N GLY G 77 -32.38 -5.72 46.59
CA GLY G 77 -32.51 -4.28 46.50
C GLY G 77 -31.37 -3.52 47.14
N GLU G 78 -31.41 -2.17 47.00
CA GLU G 78 -30.41 -1.24 47.52
C GLU G 78 -30.22 -1.34 49.06
N GLY G 79 -31.25 -1.76 49.81
CA GLY G 79 -31.17 -1.90 51.26
C GLY G 79 -30.15 -2.91 51.78
N GLN G 80 -29.64 -3.80 50.89
CA GLN G 80 -28.65 -4.83 51.22
C GLN G 80 -27.25 -4.24 51.27
N PHE G 81 -27.00 -3.17 50.49
CA PHE G 81 -25.70 -2.49 50.33
C PHE G 81 -24.99 -2.18 51.62
N GLU G 82 -25.68 -1.55 52.59
CA GLU G 82 -25.13 -1.19 53.90
C GLU G 82 -24.45 -2.39 54.57
N LYS G 83 -25.17 -3.54 54.69
CA LYS G 83 -24.60 -4.75 55.30
C LYS G 83 -23.42 -5.33 54.50
N LEU G 84 -23.52 -5.30 53.16
CA LEU G 84 -22.46 -5.76 52.27
C LEU G 84 -21.14 -4.94 52.48
N CYS G 85 -21.25 -3.59 52.56
CA CYS G 85 -20.18 -2.63 52.92
C CYS G 85 -19.59 -2.92 54.30
N GLN G 86 -20.44 -3.08 55.33
CA GLN G 86 -20.00 -3.37 56.70
C GLN G 86 -19.23 -4.69 56.76
N GLU G 87 -19.72 -5.75 56.07
CA GLU G 87 -19.09 -7.07 56.02
C GLU G 87 -17.73 -7.03 55.33
N SER G 88 -17.64 -6.30 54.22
CA SER G 88 -16.38 -6.12 53.47
C SER G 88 -15.35 -5.30 54.30
N ALA G 89 -15.84 -4.32 55.08
CA ALA G 89 -15.03 -3.47 55.92
C ALA G 89 -14.46 -4.24 57.10
N LYS G 90 -15.27 -5.15 57.72
CA LYS G 90 -14.84 -5.98 58.85
C LYS G 90 -13.80 -7.04 58.40
N GLN G 91 -13.84 -7.44 57.11
CA GLN G 91 -12.91 -8.39 56.48
C GLN G 91 -11.55 -7.74 56.07
N ALA G 92 -11.51 -6.39 55.94
CA ALA G 92 -10.31 -5.63 55.56
C ALA G 92 -9.26 -5.53 56.70
N PRO G 93 -7.92 -5.55 56.41
CA PRO G 93 -6.95 -5.42 57.51
C PRO G 93 -6.74 -3.98 57.95
N PRO G 104 -17.13 7.17 50.55
CA PRO G 104 -16.99 7.17 49.07
C PRO G 104 -15.78 8.01 48.64
N ILE G 105 -15.03 7.54 47.65
CA ILE G 105 -13.78 8.16 47.22
C ILE G 105 -13.87 8.86 45.84
N SER G 106 -14.63 8.27 44.90
CA SER G 106 -14.79 8.78 43.55
C SER G 106 -16.22 9.33 43.26
N GLY G 107 -16.31 10.58 42.80
CA GLY G 107 -17.57 11.24 42.42
C GLY G 107 -18.22 10.57 41.21
N LYS G 108 -17.40 10.27 40.17
CA LYS G 108 -17.82 9.59 38.93
C LYS G 108 -18.32 8.18 39.23
N LEU G 109 -17.53 7.41 40.00
CA LEU G 109 -17.86 6.03 40.41
C LEU G 109 -19.17 5.94 41.18
N ARG G 110 -19.42 6.89 42.12
CA ARG G 110 -20.65 6.98 42.91
C ARG G 110 -21.86 7.24 41.98
N ALA G 111 -21.74 8.20 41.07
CA ALA G 111 -22.79 8.54 40.11
C ALA G 111 -23.15 7.31 39.23
N GLN G 112 -22.14 6.56 38.76
CA GLN G 112 -22.29 5.36 37.94
C GLN G 112 -22.90 4.18 38.72
N TRP G 113 -22.56 4.06 40.00
CA TRP G 113 -23.12 3.05 40.89
C TRP G 113 -24.61 3.32 41.08
N GLU G 114 -24.99 4.60 41.25
CA GLU G 114 -26.37 5.05 41.43
C GLU G 114 -27.18 4.74 40.18
N MET G 115 -26.59 4.99 39.00
CA MET G 115 -27.19 4.64 37.71
C MET G 115 -27.41 3.09 37.61
N GLY G 116 -26.41 2.31 38.08
CA GLY G 116 -26.49 0.86 38.15
C GLY G 116 -27.66 0.35 38.98
N ILE G 117 -27.88 0.96 40.15
CA ILE G 117 -28.99 0.65 41.10
C ILE G 117 -30.34 0.95 40.45
N VAL G 118 -30.43 2.10 39.81
CA VAL G 118 -31.62 2.57 39.10
C VAL G 118 -32.00 1.54 38.02
N GLN G 119 -31.03 1.08 37.25
CA GLN G 119 -31.20 0.06 36.22
C GLN G 119 -31.56 -1.29 36.79
N ALA G 120 -30.92 -1.72 37.91
CA ALA G 120 -31.17 -3.01 38.58
C ALA G 120 -32.60 -3.09 39.15
N GLU G 121 -33.06 -1.99 39.77
CA GLU G 121 -34.42 -1.87 40.33
C GLU G 121 -35.52 -1.93 39.24
N GLU G 122 -35.23 -1.35 38.06
CA GLU G 122 -36.11 -1.40 36.89
C GLU G 122 -36.13 -2.83 36.33
N ALA G 123 -34.96 -3.49 36.28
CA ALA G 123 -34.78 -4.87 35.83
C ALA G 123 -35.54 -5.85 36.72
N ALA G 124 -35.53 -5.64 38.06
CA ALA G 124 -36.24 -6.47 39.05
C ALA G 124 -37.75 -6.47 38.81
N SER G 125 -38.32 -5.34 38.33
CA SER G 125 -39.76 -5.20 38.06
C SER G 125 -40.20 -5.87 36.74
N MET G 126 -39.25 -6.39 35.96
CA MET G 126 -39.48 -7.05 34.68
C MET G 126 -39.30 -8.56 34.82
N SER G 127 -39.86 -9.30 33.84
CA SER G 127 -39.68 -10.74 33.77
C SER G 127 -38.24 -11.02 33.31
N VAL G 128 -37.75 -12.25 33.52
CA VAL G 128 -36.40 -12.66 33.10
C VAL G 128 -36.22 -12.44 31.58
N GLU G 129 -37.22 -12.83 30.75
CA GLU G 129 -37.18 -12.65 29.30
C GLU G 129 -37.16 -11.18 28.86
N GLU G 130 -37.96 -10.32 29.54
CA GLU G 130 -38.00 -8.88 29.26
C GLU G 130 -36.70 -8.16 29.60
N ARG G 131 -36.06 -8.51 30.77
CA ARG G 131 -34.80 -7.87 31.19
C ARG G 131 -33.62 -8.34 30.33
N LYS G 132 -33.68 -9.59 29.85
CA LYS G 132 -32.65 -10.12 28.96
C LYS G 132 -32.68 -9.32 27.63
N ALA G 133 -33.88 -9.11 27.07
CA ALA G 133 -34.09 -8.34 25.83
C ALA G 133 -33.66 -6.87 25.98
N LYS G 134 -33.97 -6.23 27.13
CA LYS G 134 -33.65 -4.84 27.42
C LYS G 134 -32.17 -4.59 27.75
N PHE G 135 -31.52 -5.48 28.55
CA PHE G 135 -30.15 -5.22 28.98
C PHE G 135 -29.04 -6.06 28.28
N THR G 136 -29.34 -7.07 27.46
CA THR G 136 -28.23 -7.83 26.82
C THR G 136 -28.37 -8.07 25.29
N PHE G 137 -27.25 -8.56 24.67
CA PHE G 137 -27.05 -8.93 23.26
C PHE G 137 -25.92 -10.03 23.10
N LEU G 138 -25.91 -10.72 21.95
CA LEU G 138 -24.86 -11.68 21.59
C LEU G 138 -24.34 -11.39 20.16
N TYR G 139 -23.05 -11.64 19.91
CA TYR G 139 -22.47 -11.50 18.58
C TYR G 139 -22.84 -12.75 17.74
N VAL G 140 -22.92 -12.60 16.41
CA VAL G 140 -23.24 -13.68 15.46
N HIS H 7 12.19 -14.84 2.90
CA HIS H 7 12.62 -14.28 4.20
C HIS H 7 11.65 -14.71 5.33
N LEU H 8 12.05 -15.75 6.10
CA LEU H 8 11.31 -16.44 7.16
C LEU H 8 10.79 -15.56 8.31
N LEU H 9 9.52 -15.71 8.63
CA LEU H 9 8.88 -14.98 9.73
C LEU H 9 8.38 -15.97 10.77
N LYS H 10 8.66 -15.68 12.05
CA LYS H 10 8.28 -16.52 13.19
C LYS H 10 6.76 -16.63 13.36
N TYR H 11 6.03 -15.54 13.08
CA TYR H 11 4.57 -15.49 13.26
C TYR H 11 3.83 -15.01 12.00
N ASN H 12 2.53 -15.37 11.90
CA ASN H 12 1.61 -14.93 10.86
C ASN H 12 0.30 -14.49 11.49
N VAL H 13 -0.59 -13.81 10.72
CA VAL H 13 -1.93 -13.39 11.17
C VAL H 13 -2.70 -14.62 11.74
N GLY H 14 -3.24 -14.47 12.95
CA GLY H 14 -3.98 -15.54 13.62
C GLY H 14 -3.17 -16.28 14.66
N ASP H 15 -1.83 -16.12 14.66
CA ASP H 15 -0.99 -16.82 15.65
C ASP H 15 -1.16 -16.21 17.04
N LEU H 16 -1.32 -17.07 18.05
CA LEU H 16 -1.48 -16.69 19.44
C LEU H 16 -0.13 -16.49 20.09
N VAL H 17 0.04 -15.33 20.76
CA VAL H 17 1.28 -14.95 21.44
C VAL H 17 1.02 -14.27 22.77
N TRP H 18 2.02 -14.28 23.66
CA TRP H 18 2.02 -13.53 24.89
C TRP H 18 2.80 -12.25 24.55
N SER H 19 2.30 -11.07 24.96
CA SER H 19 2.99 -9.79 24.73
C SER H 19 3.35 -9.13 26.04
N LYS H 20 4.53 -8.50 26.07
CA LYS H 20 4.99 -7.80 27.26
C LYS H 20 5.08 -6.31 26.99
N VAL H 21 4.28 -5.54 27.75
CA VAL H 21 4.20 -4.08 27.74
C VAL H 21 4.61 -3.64 29.14
N SER H 22 5.47 -2.63 29.23
CA SER H 22 5.93 -2.05 30.50
C SER H 22 4.75 -1.61 31.35
N GLY H 23 4.73 -2.07 32.59
CA GLY H 23 3.68 -1.77 33.56
C GLY H 23 2.50 -2.73 33.51
N TYR H 24 2.57 -3.75 32.65
CA TYR H 24 1.48 -4.72 32.49
C TYR H 24 2.04 -6.14 32.57
N PRO H 25 1.27 -7.15 33.05
CA PRO H 25 1.79 -8.53 33.03
C PRO H 25 1.77 -9.07 31.60
N TRP H 26 2.48 -10.20 31.33
CA TRP H 26 2.47 -10.88 30.03
C TRP H 26 1.00 -11.13 29.71
N TRP H 27 0.58 -10.71 28.50
CA TRP H 27 -0.82 -10.68 28.10
C TRP H 27 -1.10 -11.55 26.88
N PRO H 28 -2.22 -12.30 26.88
CA PRO H 28 -2.58 -13.12 25.70
C PRO H 28 -3.06 -12.24 24.51
N CYS H 29 -2.46 -12.48 23.34
CA CYS H 29 -2.65 -11.77 22.08
C CYS H 29 -2.80 -12.67 20.90
N MET H 30 -3.27 -12.05 19.82
CA MET H 30 -3.32 -12.67 18.52
C MET H 30 -2.65 -11.70 17.51
N VAL H 31 -1.76 -12.24 16.66
CA VAL H 31 -1.13 -11.46 15.61
C VAL H 31 -2.26 -11.12 14.60
N SER H 32 -2.33 -9.85 14.19
CA SER H 32 -3.35 -9.33 13.29
C SER H 32 -2.81 -8.24 12.38
N ALA H 33 -3.50 -7.95 11.29
CA ALA H 33 -3.09 -6.89 10.39
C ALA H 33 -3.54 -5.54 10.98
N ASP H 34 -2.67 -4.52 10.87
CA ASP H 34 -2.99 -3.16 11.28
C ASP H 34 -4.19 -2.72 10.42
N PRO H 35 -5.34 -2.31 11.03
CA PRO H 35 -6.51 -1.94 10.22
C PRO H 35 -6.31 -0.79 9.26
N LEU H 36 -5.31 0.08 9.52
CA LEU H 36 -5.01 1.25 8.68
C LEU H 36 -3.83 1.03 7.74
N LEU H 37 -2.77 0.35 8.19
CA LEU H 37 -1.58 0.12 7.36
C LEU H 37 -1.66 -1.15 6.52
N HIS H 38 -2.54 -2.11 6.92
CA HIS H 38 -2.76 -3.40 6.23
C HIS H 38 -1.51 -4.28 6.21
N SER H 39 -0.71 -4.21 7.28
CA SER H 39 0.47 -5.02 7.47
C SER H 39 0.45 -5.56 8.90
N TYR H 40 1.08 -6.71 9.12
CA TYR H 40 1.10 -7.36 10.43
C TYR H 40 2.50 -7.45 11.02
N THR H 41 3.51 -7.12 10.19
CA THR H 41 4.93 -7.16 10.57
C THR H 41 5.69 -6.05 9.88
N LYS H 42 6.76 -5.57 10.50
CA LYS H 42 7.63 -4.51 9.97
C LYS H 42 8.94 -4.45 10.76
N LEU H 43 9.94 -3.76 10.21
CA LEU H 43 11.20 -3.50 10.90
C LEU H 43 11.17 -2.02 11.38
N LYS H 44 11.45 -1.74 12.67
CA LYS H 44 11.49 -0.33 13.13
C LYS H 44 12.93 0.17 13.20
N ALA H 50 15.31 -4.43 14.03
CA ALA H 50 14.50 -5.23 14.93
C ALA H 50 13.06 -5.29 14.43
N ARG H 51 12.52 -6.52 14.36
CA ARG H 51 11.20 -6.80 13.85
C ARG H 51 10.12 -6.65 14.88
N GLN H 52 9.01 -6.07 14.44
CA GLN H 52 7.79 -5.87 15.19
C GLN H 52 6.63 -6.60 14.55
N TYR H 53 5.64 -6.96 15.36
CA TYR H 53 4.39 -7.56 14.92
C TYR H 53 3.24 -6.74 15.48
N HIS H 54 2.16 -6.67 14.70
CA HIS H 54 0.95 -6.03 15.12
C HIS H 54 0.13 -7.11 15.85
N VAL H 55 -0.24 -6.83 17.11
CA VAL H 55 -0.99 -7.75 17.97
C VAL H 55 -2.30 -7.08 18.47
N GLN H 56 -3.31 -7.91 18.72
CA GLN H 56 -4.61 -7.56 19.28
C GLN H 56 -4.62 -8.23 20.66
N PHE H 57 -4.77 -7.43 21.72
CA PHE H 57 -4.85 -7.93 23.08
C PHE H 57 -6.26 -8.54 23.31
N PHE H 58 -6.30 -9.77 23.82
CA PHE H 58 -7.56 -10.42 24.16
C PHE H 58 -8.12 -9.79 25.47
N GLY H 59 -9.42 -9.92 25.63
CA GLY H 59 -10.15 -9.43 26.79
C GLY H 59 -11.46 -8.80 26.38
N ASP H 60 -12.21 -8.33 27.39
CA ASP H 60 -13.51 -7.66 27.22
C ASP H 60 -13.36 -6.23 26.65
N ALA H 61 -12.18 -5.61 26.83
CA ALA H 61 -11.89 -4.25 26.33
C ALA H 61 -10.65 -4.41 25.43
N PRO H 62 -10.79 -4.98 24.20
CA PRO H 62 -9.60 -5.21 23.38
C PRO H 62 -8.85 -3.95 22.93
N GLU H 63 -7.52 -4.09 22.79
CA GLU H 63 -6.61 -3.04 22.35
C GLU H 63 -5.69 -3.65 21.30
N ARG H 64 -4.89 -2.82 20.65
CA ARG H 64 -3.91 -3.27 19.65
C ARG H 64 -2.60 -2.49 19.76
N ALA H 65 -1.48 -3.10 19.31
CA ALA H 65 -0.16 -2.43 19.33
C ALA H 65 0.85 -3.09 18.43
N TRP H 66 1.92 -2.36 18.06
CA TRP H 66 3.08 -2.89 17.34
C TRP H 66 4.09 -3.26 18.44
N ILE H 67 4.45 -4.54 18.54
CA ILE H 67 5.33 -5.07 19.59
C ILE H 67 6.54 -5.72 18.97
N PHE H 68 7.73 -5.44 19.55
CA PHE H 68 9.00 -6.06 19.14
C PHE H 68 8.93 -7.58 19.35
N GLU H 69 9.40 -8.38 18.36
CA GLU H 69 9.48 -9.86 18.39
C GLU H 69 10.05 -10.35 19.79
N LYS H 70 11.08 -9.65 20.34
CA LYS H 70 11.73 -9.97 21.64
C LYS H 70 10.79 -9.89 22.84
N SER H 71 9.62 -9.18 22.68
CA SER H 71 8.62 -9.02 23.71
C SER H 71 7.41 -9.92 23.44
N LEU H 72 7.60 -10.91 22.54
CA LEU H 72 6.58 -11.91 22.14
C LEU H 72 7.08 -13.30 22.42
N VAL H 73 6.17 -14.18 22.90
CA VAL H 73 6.41 -15.59 23.18
C VAL H 73 5.18 -16.33 22.65
N ALA H 74 5.37 -17.41 21.87
CA ALA H 74 4.26 -18.21 21.33
C ALA H 74 3.37 -18.69 22.47
N PHE H 75 2.05 -18.56 22.29
CA PHE H 75 1.09 -18.94 23.31
C PHE H 75 0.73 -20.41 23.18
N GLU H 76 0.93 -21.16 24.27
CA GLU H 76 0.58 -22.57 24.39
C GLU H 76 -0.59 -22.68 25.36
N GLY H 77 -0.51 -21.96 26.48
CA GLY H 77 -1.53 -21.94 27.52
C GLY H 77 -1.14 -21.18 28.76
N GLU H 78 -2.09 -21.06 29.72
CA GLU H 78 -1.92 -20.35 30.99
C GLU H 78 -0.74 -20.85 31.85
N GLY H 79 -0.38 -22.14 31.71
CA GLY H 79 0.71 -22.75 32.46
C GLY H 79 2.08 -22.14 32.22
N GLN H 80 2.24 -21.35 31.13
CA GLN H 80 3.47 -20.67 30.74
C GLN H 80 3.70 -19.40 31.56
N PHE H 81 2.61 -18.74 32.01
CA PHE H 81 2.61 -17.46 32.74
C PHE H 81 3.60 -17.40 33.90
N GLU H 82 3.61 -18.43 34.78
CA GLU H 82 4.52 -18.47 35.93
C GLU H 82 6.00 -18.34 35.51
N LYS H 83 6.43 -19.12 34.48
CA LYS H 83 7.80 -19.08 33.95
C LYS H 83 8.13 -17.74 33.31
N LEU H 84 7.14 -17.13 32.60
CA LEU H 84 7.29 -15.84 31.95
C LEU H 84 7.59 -14.74 32.96
N CYS H 85 6.87 -14.74 34.11
CA CYS H 85 7.07 -13.80 35.23
C CYS H 85 8.45 -13.94 35.83
N GLN H 86 8.83 -15.20 36.15
CA GLN H 86 10.14 -15.56 36.73
C GLN H 86 11.29 -15.10 35.80
N GLU H 87 11.19 -15.40 34.48
CA GLU H 87 12.19 -15.04 33.47
C GLU H 87 12.32 -13.55 33.32
N SER H 88 11.20 -12.79 33.31
CA SER H 88 11.22 -11.33 33.22
C SER H 88 11.90 -10.71 34.45
N ALA H 89 11.66 -11.29 35.64
CA ALA H 89 12.22 -10.84 36.91
C ALA H 89 13.74 -11.04 36.93
N LYS H 90 14.23 -12.22 36.49
CA LYS H 90 15.67 -12.53 36.47
C LYS H 90 16.42 -11.70 35.43
N GLN H 91 15.71 -11.27 34.35
CA GLN H 91 16.25 -10.46 33.25
C GLN H 91 16.30 -8.96 33.58
N ALA H 92 15.55 -8.51 34.61
CA ALA H 92 15.53 -7.12 35.05
C ALA H 92 16.85 -6.71 35.75
N PRO H 93 17.55 -5.64 35.30
CA PRO H 93 18.81 -5.27 35.97
C PRO H 93 18.57 -4.39 37.21
N THR H 94 17.85 -3.27 37.03
CA THR H 94 17.53 -2.31 38.09
C THR H 94 16.49 -2.83 39.07
N LYS H 95 16.58 -2.35 40.33
CA LYS H 95 15.69 -2.69 41.44
C LYS H 95 14.28 -2.15 41.17
N ALA H 96 14.16 -1.05 40.40
CA ALA H 96 12.89 -0.43 40.01
C ALA H 96 12.13 -1.33 39.02
N GLU H 97 12.86 -2.00 38.11
CA GLU H 97 12.32 -2.94 37.13
C GLU H 97 11.73 -4.18 37.84
N LYS H 98 12.48 -4.72 38.81
CA LYS H 98 12.08 -5.87 39.61
C LYS H 98 10.82 -5.58 40.45
N ILE H 99 10.77 -4.39 41.07
CA ILE H 99 9.65 -3.91 41.91
C ILE H 99 8.35 -3.71 41.10
N LYS H 100 8.47 -3.22 39.85
CA LYS H 100 7.34 -2.99 38.95
C LYS H 100 6.74 -4.33 38.50
N LEU H 101 7.59 -5.36 38.29
CA LEU H 101 7.18 -6.71 37.88
C LEU H 101 6.35 -7.43 38.96
N LEU H 102 6.65 -7.18 40.23
CA LEU H 102 5.95 -7.78 41.38
C LEU H 102 4.76 -6.93 41.86
N LYS H 103 4.58 -5.71 41.28
CA LYS H 103 3.49 -4.78 41.59
C LYS H 103 2.16 -5.41 41.20
N PRO H 104 1.24 -5.57 42.20
CA PRO H 104 -0.04 -6.26 41.94
C PRO H 104 -0.94 -5.57 40.95
N ILE H 105 -1.63 -6.39 40.13
CA ILE H 105 -2.60 -5.93 39.13
C ILE H 105 -3.87 -5.55 39.88
N SER H 106 -4.55 -4.51 39.39
CA SER H 106 -5.83 -4.01 39.95
C SER H 106 -6.92 -5.06 39.70
N GLY H 107 -7.98 -4.98 40.51
CA GLY H 107 -9.17 -5.80 40.39
C GLY H 107 -9.65 -5.87 38.97
N LYS H 108 -9.82 -4.70 38.30
CA LYS H 108 -10.23 -4.56 36.92
C LYS H 108 -9.24 -5.23 35.94
N LEU H 109 -7.95 -4.93 36.07
CA LEU H 109 -6.91 -5.47 35.23
C LEU H 109 -6.79 -7.00 35.34
N ARG H 110 -6.91 -7.53 36.55
CA ARG H 110 -6.88 -8.98 36.84
C ARG H 110 -8.07 -9.67 36.14
N ALA H 111 -9.30 -9.11 36.31
CA ALA H 111 -10.51 -9.62 35.70
C ALA H 111 -10.38 -9.65 34.16
N GLN H 112 -9.85 -8.57 33.56
CA GLN H 112 -9.64 -8.43 32.11
C GLN H 112 -8.57 -9.38 31.57
N TRP H 113 -7.48 -9.60 32.34
CA TRP H 113 -6.43 -10.54 31.99
C TRP H 113 -7.03 -11.95 31.95
N GLU H 114 -7.87 -12.29 32.95
CA GLU H 114 -8.57 -13.58 33.06
C GLU H 114 -9.49 -13.81 31.87
N MET H 115 -10.24 -12.76 31.47
CA MET H 115 -11.09 -12.78 30.28
C MET H 115 -10.20 -13.04 29.01
N GLY H 116 -9.04 -12.40 28.97
CA GLY H 116 -8.08 -12.60 27.89
C GLY H 116 -7.68 -14.05 27.75
N ILE H 117 -7.30 -14.70 28.88
CA ILE H 117 -6.89 -16.11 28.99
C ILE H 117 -7.99 -17.07 28.49
N VAL H 118 -9.20 -16.81 28.94
CA VAL H 118 -10.41 -17.52 28.57
C VAL H 118 -10.60 -17.47 27.05
N GLN H 119 -10.45 -16.28 26.45
CA GLN H 119 -10.55 -16.05 25.02
C GLN H 119 -9.43 -16.72 24.26
N ALA H 120 -8.18 -16.64 24.76
CA ALA H 120 -7.00 -17.23 24.13
C ALA H 120 -7.05 -18.75 24.10
N GLU H 121 -7.53 -19.38 25.21
CA GLU H 121 -7.68 -20.83 25.34
C GLU H 121 -8.75 -21.38 24.38
N GLU H 122 -9.82 -20.61 24.16
CA GLU H 122 -10.89 -20.94 23.22
C GLU H 122 -10.34 -20.83 21.81
N ALA H 123 -9.56 -19.74 21.53
CA ALA H 123 -8.90 -19.48 20.25
C ALA H 123 -7.90 -20.59 19.87
N ALA H 124 -7.12 -21.11 20.86
CA ALA H 124 -6.15 -22.19 20.64
C ALA H 124 -6.78 -23.47 20.14
N SER H 125 -8.02 -23.77 20.59
CA SER H 125 -8.78 -24.97 20.19
C SER H 125 -9.37 -24.86 18.75
N MET H 126 -9.26 -23.69 18.10
CA MET H 126 -9.80 -23.38 16.78
C MET H 126 -8.71 -23.34 15.74
N SER H 127 -9.12 -23.43 14.47
CA SER H 127 -8.23 -23.29 13.32
C SER H 127 -7.92 -21.81 13.15
N VAL H 128 -6.85 -21.46 12.42
CA VAL H 128 -6.45 -20.08 12.19
C VAL H 128 -7.59 -19.28 11.53
N GLU H 129 -8.26 -19.88 10.52
CA GLU H 129 -9.39 -19.26 9.83
C GLU H 129 -10.60 -19.00 10.74
N GLU H 130 -10.96 -19.98 11.59
CA GLU H 130 -12.05 -19.86 12.56
C GLU H 130 -11.75 -18.78 13.62
N ARG H 131 -10.49 -18.70 14.07
CA ARG H 131 -9.93 -17.77 15.04
C ARG H 131 -10.10 -16.35 14.52
N LYS H 132 -9.66 -16.14 13.29
CA LYS H 132 -9.68 -14.86 12.57
C LYS H 132 -11.11 -14.34 12.42
N ALA H 133 -12.05 -15.22 12.01
CA ALA H 133 -13.47 -14.92 11.87
C ALA H 133 -14.11 -14.53 13.22
N LYS H 134 -13.76 -15.23 14.31
CA LYS H 134 -14.33 -14.97 15.63
C LYS H 134 -13.74 -13.73 16.33
N PHE H 135 -12.40 -13.51 16.23
CA PHE H 135 -11.78 -12.42 16.99
C PHE H 135 -11.39 -11.18 16.13
N THR H 136 -11.70 -11.17 14.83
CA THR H 136 -11.48 -9.97 14.00
C THR H 136 -12.75 -9.13 14.02
N PHE H 137 -12.69 -8.00 14.75
CA PHE H 137 -13.79 -7.05 14.96
C PHE H 137 -13.68 -5.78 14.07
N LEU H 138 -14.65 -4.82 14.25
CA LEU H 138 -14.64 -3.53 13.57
C LEU H 138 -13.59 -2.61 14.27
N TYR H 139 -12.83 -1.84 13.45
CA TYR H 139 -11.76 -0.94 13.87
C TYR H 139 -12.28 0.32 14.52
C4 Q5D I . 8.03 -5.77 -36.77
C5 Q5D I . 9.30 -5.76 -37.46
C6 Q5D I . 7.50 -4.59 -36.26
N1 Q5D I . 3.32 -6.44 -34.68
C7 Q5D I . 6.32 -4.61 -35.52
C8 Q5D I . 3.06 -6.95 -36.05
C9 Q5D I . 3.10 -6.08 -37.26
C10 Q5D I . 1.79 -6.59 -36.76
C11 Q5D I . 2.29 -6.61 -33.68
C12 Q5D I . 2.38 -7.90 -32.91
C13 Q5D I . 1.36 -8.77 -32.61
C14 Q5D I . 1.85 -9.87 -31.80
C15 Q5D I . 3.17 -9.80 -31.50
N Q5D I . 10.32 -5.74 -37.98
C3 Q5D I . 7.36 -6.97 -36.58
C2 Q5D I . 6.19 -7.00 -35.83
C1 Q5D I . 5.66 -5.82 -35.28
C Q5D I . 4.50 -5.84 -34.33
O Q5D I . 4.62 -5.27 -33.25
S Q5D I . 3.88 -8.42 -32.18
UNK UNX J . -11.44 -17.53 -38.70
UNK UNX K . -3.16 -2.01 -43.92
UNK UNX L . -0.96 -6.27 -39.15
UNK UNX M . -0.39 -14.87 -30.28
UNK UNX N . 19.44 -20.68 -49.46
UNK UNX O . 2.97 -18.86 -50.53
UNK UNX P . -6.00 -15.46 -49.53
UNK UNX Q . 0.60 -1.63 -53.01
UNK UNX R . -1.52 -24.58 -48.76
C4 Q5D S . 4.43 -9.71 -22.44
C5 Q5D S . 4.52 -10.75 -23.43
C6 Q5D S . 3.89 -8.46 -22.76
N1 Q5D S . 4.23 -6.49 -18.36
C7 Q5D S . 3.92 -7.43 -21.83
C8 Q5D S . 3.47 -7.63 -17.80
C9 Q5D S . 2.15 -8.03 -18.35
C10 Q5D S . 2.24 -7.37 -17.01
C11 Q5D S . 4.57 -5.41 -17.45
C12 Q5D S . 5.89 -5.60 -16.76
C13 Q5D S . 6.19 -5.38 -15.43
C14 Q5D S . 7.61 -5.59 -15.14
C15 Q5D S . 8.31 -5.97 -16.23
N Q5D S . 4.57 -11.55 -24.25
C3 Q5D S . 4.98 -9.91 -21.17
C2 Q5D S . 5.00 -8.87 -20.25
C1 Q5D S . 4.48 -7.62 -20.56
C Q5D S . 4.65 -6.43 -19.66
O Q5D S . 5.13 -5.41 -20.12
S Q5D S . 7.30 -6.08 -17.63
UNK UNX T . 6.88 -4.43 -31.90
UNK UNX U . -1.74 -15.02 -3.36
UNK UNX V . 1.72 -8.94 -0.51
UNK UNX W . -0.36 -22.79 -8.94
UNK UNX X . 17.50 -9.29 -11.03
UNK UNX Y . 12.00 -8.36 -17.85
UNK UNX Z . 12.52 -13.15 -19.00
UNK UNX AA . 10.28 -5.94 -10.35
UNK UNX BA . -12.59 -16.16 -18.52
UNK UNX CA . -3.77 -27.54 -19.16
UNK UNX DA . -0.73 -7.87 -15.11
C4 Q5D EA . 15.20 0.27 -17.26
C5 Q5D EA . 15.13 -1.02 -16.64
C6 Q5D EA . 14.03 0.92 -17.68
N1 Q5D EA . 16.09 5.06 -19.10
C7 Q5D EA . 14.11 2.13 -18.34
C8 Q5D EA . 16.71 5.21 -17.76
C9 Q5D EA . 15.90 5.16 -16.50
C10 Q5D EA . 16.49 6.45 -16.95
C11 Q5D EA . 16.24 6.15 -20.06
C12 Q5D EA . 17.49 6.04 -20.90
C13 Q5D EA . 18.44 7.08 -21.19
C14 Q5D EA . 19.44 6.58 -22.11
C15 Q5D EA . 19.25 5.29 -22.48
N Q5D EA . 15.03 -2.07 -16.18
C3 Q5D EA . 16.44 0.88 -17.48
C2 Q5D EA . 16.51 2.10 -18.16
C1 Q5D EA . 15.35 2.73 -18.60
C Q5D EA . 15.39 3.95 -19.49
O Q5D EA . 14.76 3.94 -20.53
S Q5D EA . 17.89 4.60 -21.76
UNK UNX FA . 24.19 8.64 -23.76
UNK UNX GA . 33.47 -1.12 -16.62
UNK UNX HA . 14.91 -0.69 -20.77
UNK UNX IA . 14.01 1.72 -21.97
UNK UNX JA . 16.50 8.79 -14.42
C4 Q5D KA . 18.61 4.41 -31.54
C5 Q5D KA . 19.70 4.24 -30.61
C6 Q5D KA . 17.41 5.00 -31.12
N1 Q5D KA . 15.15 4.95 -35.37
C7 Q5D KA . 16.33 5.08 -31.98
C8 Q5D KA . 16.27 5.71 -35.95
C9 Q5D KA . 15.98 6.87 -36.83
C10 Q5D KA . 16.47 7.09 -35.43
C11 Q5D KA . 14.00 4.68 -36.22
C12 Q5D KA . 14.13 3.40 -37.01
C13 Q5D KA . 13.88 3.19 -38.38
C14 Q5D KA . 14.04 1.81 -38.75
C15 Q5D KA . 14.39 1.03 -37.72
N Q5D KA . 20.53 4.11 -29.85
C3 Q5D KA . 18.71 3.92 -32.84
C2 Q5D KA . 17.63 4.00 -33.70
C1 Q5D KA . 16.41 4.55 -33.27
C Q5D KA . 15.16 4.47 -34.10
O Q5D KA . 14.15 4.02 -33.60
S Q5D KA . 14.55 1.90 -36.24
UNK UNX LA . 27.03 12.14 -24.37
UNK UNX MA . 22.27 6.32 -23.96
UNK UNX NA . 16.55 10.02 -38.45
C4 Q5D OA . -4.11 8.78 22.13
C5 Q5D OA . -3.98 7.65 21.25
C6 Q5D OA . -3.72 8.69 23.47
N1 Q5D OA . -4.53 13.31 24.67
C7 Q5D OA . -3.91 9.77 24.33
C8 Q5D OA . -3.65 13.75 23.56
C9 Q5D OA . -2.26 13.22 23.43
C10 Q5D OA . -2.48 14.64 23.86
C11 Q5D OA . -5.07 14.34 25.54
C12 Q5D OA . -6.37 14.93 25.06
C13 Q5D OA . -6.72 16.26 24.99
C14 Q5D OA . -8.10 16.42 24.55
C15 Q5D OA . -8.72 15.25 24.30
N Q5D OA . -3.89 6.73 20.58
C3 Q5D OA . -4.67 9.98 21.66
C2 Q5D OA . -4.88 11.04 22.53
C1 Q5D OA . -4.52 10.94 23.88
C Q5D OA . -4.89 12.01 24.87
O Q5D OA . -5.48 11.67 25.88
S Q5D OA . -7.69 13.93 24.58
UNK UNX PA . 0.38 16.60 23.44
UNK UNX QA . -11.42 11.25 16.95
UNK UNX RA . -7.86 1.23 16.79
UNK UNX SA . 1.42 4.53 30.17
UNK UNX TA . -11.69 13.07 21.54
C4 Q5D UA . -16.16 14.58 29.72
C5 Q5D UA . -15.93 15.00 28.36
C6 Q5D UA . -15.07 14.34 30.56
N1 Q5D UA . -17.59 13.38 34.56
C7 Q5D UA . -15.28 13.87 31.86
C8 Q5D UA . -18.27 14.69 34.43
C9 Q5D UA . -18.46 15.58 35.61
C10 Q5D UA . -17.42 15.91 34.59
C11 Q5D UA . -17.87 12.59 35.75
C12 Q5D UA . -19.03 11.65 35.58
C13 Q5D UA . -20.08 11.44 36.46
C14 Q5D UA . -20.99 10.41 35.98
C15 Q5D UA . -20.60 9.89 34.81
N Q5D UA . -15.71 15.31 27.27
C3 Q5D UA . -17.46 14.35 30.18
C2 Q5D UA . -17.66 13.86 31.46
C1 Q5D UA . -16.57 13.60 32.30
C Q5D UA . -16.74 12.88 33.62
O Q5D UA . -16.03 11.91 33.84
S Q5D UA . -19.14 10.60 34.23
UNK UNX VA . -30.92 26.93 31.33
UNK UNX WA . -39.88 10.32 36.98
UNK UNX XA . -26.12 8.72 37.56
UNK UNX YA . -22.00 34.52 31.10
C4 Q5D ZA . -19.39 0.84 35.69
C5 Q5D ZA . -20.50 1.62 35.22
C6 Q5D ZA . -18.29 1.47 36.29
N1 Q5D ZA . -15.79 -2.54 37.32
C7 Q5D ZA . -17.17 0.73 36.64
C8 Q5D ZA . -16.96 -3.09 38.03
C9 Q5D ZA . -17.66 -2.32 39.09
C10 Q5D ZA . -16.82 -3.50 39.46
C11 Q5D ZA . -14.54 -3.30 37.36
C12 Q5D ZA . -14.40 -4.29 36.25
C13 Q5D ZA . -14.00 -5.62 36.36
C14 Q5D ZA . -13.91 -6.24 35.06
C15 Q5D ZA . -14.23 -5.42 34.04
N Q5D ZA . -21.36 2.27 34.83
C3 Q5D ZA . -19.35 -0.54 35.48
C2 Q5D ZA . -18.23 -1.27 35.83
C1 Q5D ZA . -17.11 -0.64 36.39
C Q5D ZA . -15.81 -1.37 36.60
O Q5D ZA . -14.79 -0.88 36.17
S Q5D ZA . -14.67 -3.87 34.60
UNK UNX AB . -13.33 -11.57 33.48
UNK UNX BB . -20.70 -4.62 28.53
UNK UNX CB . -31.84 -13.30 48.96
UNK UNX DB . -17.89 4.77 44.97
UNK UNX EB . -27.51 -13.43 27.92
UNK UNX FB . -16.03 -24.99 32.08
UNK UNX GB . -16.10 -4.97 30.04
UNK UNX HB . -17.08 1.52 32.79
UNK UNX IB . -16.38 -19.88 44.02
UNK UNX JB . -14.59 0.87 34.04
UNK UNX KB . -17.63 -4.76 42.57
C4 Q5D LB . -7.20 -5.07 28.02
C5 Q5D LB . -8.41 -5.86 28.04
C6 Q5D LB . -6.81 -4.34 29.15
N1 Q5D LB . -2.58 -2.76 27.44
C7 Q5D LB . -5.68 -3.54 29.11
C8 Q5D LB . -2.18 -4.16 27.16
C9 Q5D LB . -2.24 -5.21 28.21
C10 Q5D LB . -0.91 -4.71 27.73
C11 Q5D LB . -1.61 -1.71 27.21
C12 Q5D LB . -1.62 -1.16 25.81
C13 Q5D LB . -0.51 -0.91 24.96
C14 Q5D LB . -0.96 -0.30 23.73
C15 Q5D LB . -2.30 -0.12 23.64
N Q5D LB . -9.40 -6.44 28.08
C3 Q5D LB . -6.43 -5.00 26.86
C2 Q5D LB . -5.31 -4.19 26.82
C1 Q5D LB . -4.93 -3.43 27.94
C Q5D LB . -3.83 -2.41 27.87
O Q5D LB . -4.06 -1.27 28.25
S Q5D LB . -3.09 -0.65 25.06
UNK UNX MB . -1.05 -20.10 17.56
UNK UNX NB . 12.89 -7.36 18.55
UNK UNX OB . 1.75 -6.94 28.61
#